data_1RLD
#
_entry.id   1RLD
#
_cell.length_a   153.010
_cell.length_b   153.010
_cell.length_c   113.450
_cell.angle_alpha   90.00
_cell.angle_beta   90.00
_cell.angle_gamma   90.00
#
_symmetry.space_group_name_H-M   'I 4'
#
loop_
_entity.id
_entity.type
_entity.pdbx_description
1 polymer 'RIBULOSE 1,5 BISPHOSPHATE CARBOXYLASE/OXYGENASE (LARGE CHAIN)'
2 polymer 'RIBULOSE 1,5 BISPHOSPHATE CARBOXYLASE/OXYGENASE (SMALL CHAIN)'
#
loop_
_entity_poly.entity_id
_entity_poly.type
_entity_poly.pdbx_seq_one_letter_code
_entity_poly.pdbx_strand_id
1 'polypeptide(L)'
;LTYYTPEYQTKDTDILAAFRVTPQPGVPPEEAGAAVAAESSTGTWTTVWTDGLTSLDRYKGRCYRIERVVGEKDQYIAYV
AYPLDLFEEGSVTNMFTSIVGNVFGFKALRALRLEDLRIPPAYVKTFQGPPHGIQVERDKLNKYGRPLLGCTIKPKLGLS
AKNYGRAVYECLRGGLDFTKDDENVNSQPFMRWRDRFLFCAEALYKAEAETGEIKGHYLNATAGTCEEMIKRAVFARELG
VPIVMHDYLTGGFTANTSLAHYCRDNGLLLHIHRAMHAVIDRQKNHGIHFRVLAKALRMSGGDHIHSGTVVGKLEGERDI
TLGFVDLLRDDFVEQDRSRGIYFTQDWVSLPGVLPVASGGIHVWHMPALTEIFGDDSVLQFGGGTLGHPWGNAPGAVANR
VALEACVKARNEGRDLAQEGNEIIREACKWSPELAAACEVWKEIVF
;
A,B
2 'polypeptide(L)'
;MQVWPPINKKKYETLSYLPDLSQEQLLSEVEYLLKNGWVPCLEFETEHGFVYRENNKSPGYYDGRYWTMWKLPMFGCTDA
TQVLAEVEEAKKAYPQAWIRIIGFDNVRQVQCISFIAYKPEGY
;
S,T
#
# COMPACT_ATOMS: atom_id res chain seq x y z
N LEU A 1 -30.28 7.89 -10.87
CA LEU A 1 -30.45 7.53 -9.47
C LEU A 1 -31.10 6.18 -9.72
N THR A 2 -30.17 5.33 -10.13
CA THR A 2 -30.47 3.95 -10.50
C THR A 2 -29.48 3.06 -9.74
N TYR A 3 -28.75 3.74 -8.86
CA TYR A 3 -27.75 3.16 -7.98
C TYR A 3 -28.24 3.50 -6.57
N TYR A 4 -29.26 4.33 -6.38
CA TYR A 4 -29.73 4.59 -5.04
C TYR A 4 -30.87 3.59 -5.01
N THR A 5 -30.85 2.51 -4.22
CA THR A 5 -31.98 1.59 -4.24
C THR A 5 -32.57 1.34 -2.86
N PRO A 6 -33.59 2.13 -2.47
CA PRO A 6 -34.23 2.06 -1.17
C PRO A 6 -34.82 0.69 -0.91
N GLU A 7 -35.27 0.08 -2.02
CA GLU A 7 -35.93 -1.21 -1.97
C GLU A 7 -35.00 -2.45 -2.04
N TYR A 8 -33.68 -2.26 -2.06
CA TYR A 8 -32.86 -3.43 -2.23
C TYR A 8 -32.83 -4.20 -0.89
N GLN A 9 -32.97 -5.52 -1.05
CA GLN A 9 -32.83 -6.46 0.03
C GLN A 9 -31.41 -6.99 -0.21
N THR A 10 -30.56 -6.87 0.81
CA THR A 10 -29.24 -7.41 0.71
C THR A 10 -29.21 -8.91 0.62
N LYS A 11 -28.16 -9.34 -0.10
CA LYS A 11 -27.77 -10.71 -0.24
C LYS A 11 -26.70 -10.92 0.84
N ASP A 12 -26.59 -12.18 1.16
CA ASP A 12 -25.61 -12.64 2.10
C ASP A 12 -24.25 -12.87 1.40
N THR A 13 -24.23 -12.62 0.11
CA THR A 13 -22.99 -12.64 -0.62
C THR A 13 -22.99 -11.24 -1.23
N ASP A 14 -22.67 -10.35 -0.34
CA ASP A 14 -22.56 -8.95 -0.69
C ASP A 14 -21.51 -8.40 0.24
N ILE A 15 -20.73 -7.49 -0.34
CA ILE A 15 -19.83 -6.75 0.46
C ILE A 15 -20.70 -5.51 0.59
N LEU A 16 -20.90 -5.09 1.83
CA LEU A 16 -21.68 -3.91 2.17
C LEU A 16 -20.65 -2.91 2.65
N ALA A 17 -20.59 -1.66 2.20
CA ALA A 17 -19.68 -0.72 2.86
C ALA A 17 -20.57 0.32 3.56
N ALA A 18 -20.11 1.06 4.54
CA ALA A 18 -20.89 2.09 5.21
C ALA A 18 -19.94 3.27 5.06
N PHE A 19 -20.22 4.12 4.07
CA PHE A 19 -19.49 5.31 3.70
C PHE A 19 -20.10 6.52 4.38
N ARG A 20 -19.38 7.27 5.19
CA ARG A 20 -19.82 8.57 5.67
C ARG A 20 -19.58 9.58 4.52
N VAL A 21 -20.56 9.92 3.67
CA VAL A 21 -20.31 10.86 2.57
C VAL A 21 -20.62 12.29 3.05
N THR A 22 -19.78 13.26 2.70
CA THR A 22 -20.04 14.65 3.01
C THR A 22 -20.17 15.22 1.59
N PRO A 23 -21.37 15.26 0.96
CA PRO A 23 -21.58 15.83 -0.38
C PRO A 23 -21.12 17.27 -0.63
N GLN A 24 -21.05 17.68 -1.87
CA GLN A 24 -20.73 19.07 -2.22
C GLN A 24 -22.04 19.84 -2.00
N PRO A 25 -22.20 21.09 -1.48
CA PRO A 25 -23.50 21.74 -1.25
C PRO A 25 -24.31 21.75 -2.51
N GLY A 26 -25.48 21.22 -2.27
CA GLY A 26 -26.36 21.08 -3.37
C GLY A 26 -26.47 19.62 -3.76
N VAL A 27 -25.55 18.67 -3.56
CA VAL A 27 -25.82 17.28 -3.93
C VAL A 27 -26.91 16.78 -2.99
N PRO A 28 -28.08 16.30 -3.45
CA PRO A 28 -29.10 15.71 -2.60
C PRO A 28 -28.46 14.49 -1.97
N PRO A 29 -28.71 14.14 -0.69
CA PRO A 29 -28.04 13.00 -0.04
C PRO A 29 -28.20 11.71 -0.85
N GLU A 30 -29.40 11.54 -1.41
CA GLU A 30 -29.79 10.44 -2.25
C GLU A 30 -28.83 10.34 -3.39
N GLU A 31 -28.56 11.48 -4.04
CA GLU A 31 -27.73 11.56 -5.22
C GLU A 31 -26.29 11.39 -4.83
N ALA A 32 -25.97 11.78 -3.61
CA ALA A 32 -24.65 11.56 -3.03
C ALA A 32 -24.42 10.07 -2.84
N GLY A 33 -25.29 9.33 -2.15
CA GLY A 33 -25.15 7.90 -1.96
C GLY A 33 -25.19 7.10 -3.27
N ALA A 34 -26.09 7.44 -4.17
CA ALA A 34 -26.16 6.82 -5.47
C ALA A 34 -24.87 7.05 -6.23
N ALA A 35 -24.23 8.24 -6.13
CA ALA A 35 -22.95 8.56 -6.74
C ALA A 35 -21.88 7.61 -6.23
N VAL A 36 -21.80 7.35 -4.91
CA VAL A 36 -20.82 6.43 -4.31
C VAL A 36 -21.01 5.01 -4.86
N ALA A 37 -22.26 4.55 -4.91
CA ALA A 37 -22.57 3.28 -5.52
C ALA A 37 -22.21 3.23 -7.02
N ALA A 38 -22.59 4.23 -7.79
CA ALA A 38 -22.32 4.28 -9.21
C ALA A 38 -20.87 4.11 -9.55
N GLU A 39 -19.93 4.43 -8.69
CA GLU A 39 -18.55 4.01 -8.95
C GLU A 39 -18.41 2.48 -8.67
N SER A 40 -18.95 1.84 -9.75
CA SER A 40 -19.15 0.43 -10.05
C SER A 40 -19.30 0.29 -11.58
N SER A 41 -19.90 1.24 -12.35
CA SER A 41 -20.13 1.08 -13.78
C SER A 41 -20.43 2.36 -14.62
N THR A 42 -20.60 2.23 -15.98
CA THR A 42 -21.07 3.21 -17.03
C THR A 42 -21.36 2.48 -18.43
N VAL A 48 -22.09 2.96 -19.51
CA VAL A 48 -22.62 2.17 -20.69
C VAL A 48 -22.20 2.04 -22.25
N TRP A 49 -22.87 1.18 -23.09
CA TRP A 49 -22.83 0.83 -24.56
C TRP A 49 -22.75 -0.69 -24.65
N THR A 50 -21.57 -1.27 -24.51
CA THR A 50 -21.31 -2.68 -24.63
C THR A 50 -22.16 -3.36 -23.63
N ASP A 51 -22.45 -2.59 -22.59
CA ASP A 51 -23.37 -2.87 -21.52
C ASP A 51 -24.61 -3.67 -21.86
N GLY A 52 -25.00 -3.65 -23.13
CA GLY A 52 -26.09 -4.46 -23.59
C GLY A 52 -25.61 -5.87 -23.89
N LEU A 53 -24.38 -6.28 -23.56
CA LEU A 53 -23.81 -7.60 -23.80
C LEU A 53 -23.52 -8.32 -22.48
N THR A 54 -24.14 -7.78 -21.44
CA THR A 54 -24.12 -8.28 -20.08
C THR A 54 -25.38 -7.66 -19.51
N SER A 55 -25.64 -7.85 -18.24
CA SER A 55 -26.69 -7.11 -17.57
C SER A 55 -25.94 -6.42 -16.46
N LEU A 56 -25.75 -5.11 -16.64
CA LEU A 56 -25.03 -4.29 -15.66
C LEU A 56 -25.72 -4.28 -14.30
N ASP A 57 -27.02 -4.60 -14.38
CA ASP A 57 -27.84 -4.83 -13.20
C ASP A 57 -27.22 -5.88 -12.22
N ARG A 58 -26.33 -6.79 -12.66
CA ARG A 58 -25.68 -7.73 -11.78
C ARG A 58 -24.35 -7.21 -11.27
N TYR A 59 -23.72 -6.18 -11.84
CA TYR A 59 -22.38 -5.74 -11.43
C TYR A 59 -22.28 -4.30 -10.92
N LYS A 60 -23.33 -3.83 -10.22
CA LYS A 60 -23.45 -2.45 -9.73
C LYS A 60 -23.60 -2.44 -8.21
N GLY A 61 -23.04 -1.34 -7.64
CA GLY A 61 -23.15 -1.03 -6.24
C GLY A 61 -24.54 -0.43 -6.02
N ARG A 62 -25.32 -0.86 -5.04
CA ARG A 62 -26.64 -0.34 -4.72
C ARG A 62 -26.51 0.50 -3.49
N CYS A 63 -26.69 1.82 -3.47
CA CYS A 63 -26.77 2.62 -2.25
C CYS A 63 -28.16 2.40 -1.65
N TYR A 64 -28.34 1.25 -1.02
CA TYR A 64 -29.67 0.94 -0.57
C TYR A 64 -30.14 1.84 0.58
N ARG A 65 -29.31 2.31 1.52
CA ARG A 65 -29.82 3.16 2.57
C ARG A 65 -28.90 4.32 2.79
N ILE A 66 -29.48 5.48 3.13
CA ILE A 66 -28.74 6.69 3.48
C ILE A 66 -29.18 7.11 4.91
N GLU A 67 -28.27 7.29 5.84
CA GLU A 67 -28.67 7.75 7.14
C GLU A 67 -28.02 9.11 7.29
N ARG A 68 -28.54 9.92 8.23
CA ARG A 68 -28.07 11.28 8.49
C ARG A 68 -27.20 11.24 9.73
N VAL A 69 -25.99 11.75 9.59
CA VAL A 69 -25.09 11.76 10.71
C VAL A 69 -25.48 13.03 11.37
N VAL A 70 -26.41 12.86 12.29
CA VAL A 70 -26.89 14.01 13.03
C VAL A 70 -25.79 14.67 13.88
N GLY A 71 -25.59 15.97 13.72
CA GLY A 71 -24.77 16.72 14.65
C GLY A 71 -23.29 16.55 14.51
N GLU A 72 -22.73 15.56 13.82
CA GLU A 72 -21.28 15.54 13.64
C GLU A 72 -20.89 16.50 12.51
N LYS A 73 -21.93 16.95 11.79
CA LYS A 73 -22.01 18.03 10.79
C LYS A 73 -23.23 17.59 9.98
N ASP A 74 -23.37 17.94 8.69
CA ASP A 74 -24.35 17.28 7.90
C ASP A 74 -23.58 16.56 6.77
N GLN A 75 -23.47 15.28 7.20
CA GLN A 75 -22.77 14.15 6.60
C GLN A 75 -23.79 13.06 6.59
N TYR A 76 -23.57 12.01 5.82
CA TYR A 76 -24.52 10.91 5.72
C TYR A 76 -23.83 9.56 5.65
N ILE A 77 -24.39 8.51 6.27
CA ILE A 77 -23.85 7.16 6.18
C ILE A 77 -24.68 6.43 5.11
N ALA A 78 -24.11 6.44 3.90
CA ALA A 78 -24.68 5.80 2.74
C ALA A 78 -24.12 4.40 2.81
N TYR A 79 -25.01 3.43 2.54
CA TYR A 79 -24.78 2.00 2.61
C TYR A 79 -24.84 1.46 1.19
N VAL A 80 -23.68 1.08 0.67
CA VAL A 80 -23.54 0.56 -0.67
C VAL A 80 -23.51 -0.96 -0.60
N ALA A 81 -24.00 -1.66 -1.61
CA ALA A 81 -23.94 -3.12 -1.60
C ALA A 81 -23.45 -3.63 -2.95
N TYR A 82 -22.30 -4.23 -2.77
CA TYR A 82 -21.43 -4.72 -3.80
C TYR A 82 -21.64 -6.21 -3.99
N PRO A 83 -21.91 -6.70 -5.20
CA PRO A 83 -22.00 -8.13 -5.47
C PRO A 83 -20.73 -8.97 -5.31
N LEU A 84 -20.83 -10.24 -4.90
CA LEU A 84 -19.66 -11.10 -4.69
C LEU A 84 -18.75 -11.28 -5.90
N ASP A 85 -19.41 -11.47 -7.08
CA ASP A 85 -18.80 -11.54 -8.42
C ASP A 85 -17.84 -10.46 -8.89
N LEU A 86 -17.73 -9.39 -8.11
CA LEU A 86 -16.93 -8.26 -8.42
C LEU A 86 -15.57 -8.55 -7.89
N PHE A 87 -15.40 -9.48 -6.94
CA PHE A 87 -14.12 -9.56 -6.25
C PHE A 87 -13.43 -10.86 -6.58
N GLU A 88 -12.10 -10.70 -6.61
CA GLU A 88 -11.25 -11.82 -6.86
C GLU A 88 -11.11 -12.54 -5.49
N GLU A 89 -11.44 -13.84 -5.54
CA GLU A 89 -11.45 -14.61 -4.32
C GLU A 89 -10.10 -14.54 -3.67
N GLY A 90 -10.07 -14.11 -2.42
CA GLY A 90 -8.85 -14.14 -1.62
C GLY A 90 -7.89 -13.00 -1.88
N SER A 91 -8.45 -11.89 -2.36
CA SER A 91 -7.61 -10.74 -2.64
C SER A 91 -8.08 -9.40 -2.03
N VAL A 92 -7.35 -9.08 -0.93
CA VAL A 92 -7.60 -7.83 -0.26
C VAL A 92 -7.16 -6.72 -1.24
N THR A 93 -6.09 -6.85 -2.05
CA THR A 93 -5.72 -5.88 -3.10
C THR A 93 -6.86 -5.69 -4.03
N ASN A 94 -7.63 -6.67 -4.36
CA ASN A 94 -8.79 -6.45 -5.17
C ASN A 94 -9.97 -5.83 -4.49
N MET A 95 -10.33 -6.24 -3.29
CA MET A 95 -11.45 -5.67 -2.55
C MET A 95 -11.18 -4.18 -2.27
N PHE A 96 -9.98 -3.76 -1.87
CA PHE A 96 -9.65 -2.38 -1.80
C PHE A 96 -9.63 -1.82 -3.20
N THR A 97 -9.03 -2.31 -4.29
CA THR A 97 -9.23 -1.57 -5.53
C THR A 97 -10.70 -1.33 -5.93
N SER A 98 -11.51 -2.36 -5.96
CA SER A 98 -12.89 -2.21 -6.25
C SER A 98 -13.63 -1.30 -5.28
N ILE A 99 -13.31 -1.05 -4.01
CA ILE A 99 -14.16 -0.17 -3.18
C ILE A 99 -13.41 1.15 -3.07
N VAL A 100 -12.29 1.24 -2.30
CA VAL A 100 -11.57 2.52 -2.15
C VAL A 100 -10.72 3.05 -3.35
N GLY A 101 -10.83 2.32 -4.47
CA GLY A 101 -10.14 2.61 -5.70
C GLY A 101 -10.60 3.90 -6.40
N ASN A 102 -11.88 4.15 -6.73
CA ASN A 102 -12.21 5.37 -7.47
C ASN A 102 -13.14 6.46 -6.86
N VAL A 103 -13.92 6.06 -5.84
CA VAL A 103 -14.95 6.91 -5.26
C VAL A 103 -14.48 8.14 -4.50
N PHE A 104 -13.47 8.06 -3.63
CA PHE A 104 -13.03 9.19 -2.81
C PHE A 104 -12.55 10.42 -3.57
N GLY A 105 -12.68 10.58 -4.86
CA GLY A 105 -12.14 11.73 -5.58
C GLY A 105 -13.16 12.30 -6.56
N PHE A 106 -14.42 12.04 -6.24
CA PHE A 106 -15.51 12.45 -7.06
C PHE A 106 -15.80 13.92 -6.73
N LYS A 107 -15.79 14.81 -7.74
CA LYS A 107 -16.11 16.25 -7.61
C LYS A 107 -17.32 16.57 -6.70
N ALA A 108 -18.40 15.83 -6.90
CA ALA A 108 -19.62 15.94 -6.13
C ALA A 108 -19.49 15.39 -4.71
N LEU A 109 -18.28 15.23 -4.19
CA LEU A 109 -18.06 14.76 -2.83
C LEU A 109 -17.01 15.68 -2.21
N ARG A 110 -17.29 16.27 -1.06
CA ARG A 110 -16.29 17.08 -0.41
C ARG A 110 -15.26 16.15 0.17
N ALA A 111 -15.68 15.20 1.02
CA ALA A 111 -14.80 14.23 1.65
C ALA A 111 -15.72 13.11 2.04
N LEU A 112 -15.27 11.94 1.66
CA LEU A 112 -15.97 10.69 1.91
C LEU A 112 -15.16 9.79 2.83
N ARG A 113 -15.72 8.97 3.71
CA ARG A 113 -14.87 8.15 4.55
C ARG A 113 -15.40 6.74 4.64
N LEU A 114 -14.58 5.66 4.49
CA LEU A 114 -15.14 4.32 4.62
C LEU A 114 -15.16 3.87 6.08
N GLU A 115 -16.34 3.64 6.65
CA GLU A 115 -16.33 3.33 8.09
C GLU A 115 -16.29 1.85 8.41
N ASP A 116 -16.92 1.02 7.57
CA ASP A 116 -16.96 -0.38 7.87
C ASP A 116 -17.24 -1.21 6.64
N LEU A 117 -16.97 -2.51 6.71
CA LEU A 117 -17.22 -3.38 5.60
C LEU A 117 -17.89 -4.66 6.06
N ARG A 118 -18.86 -5.20 5.38
CA ARG A 118 -19.36 -6.47 5.81
C ARG A 118 -18.96 -7.33 4.67
N ILE A 119 -17.94 -8.01 5.10
CA ILE A 119 -17.22 -8.96 4.29
C ILE A 119 -18.05 -10.23 4.35
N PRO A 120 -18.87 -10.69 3.42
CA PRO A 120 -19.70 -11.87 3.57
C PRO A 120 -18.88 -13.13 3.88
N PRO A 121 -19.38 -14.23 4.56
CA PRO A 121 -18.67 -15.47 4.84
C PRO A 121 -18.24 -16.14 3.55
N ALA A 122 -19.00 -16.06 2.45
CA ALA A 122 -18.59 -16.66 1.20
C ALA A 122 -17.37 -16.00 0.63
N TYR A 123 -17.06 -14.79 1.05
CA TYR A 123 -15.85 -14.17 0.60
C TYR A 123 -14.78 -14.49 1.65
N VAL A 124 -15.15 -14.53 2.95
CA VAL A 124 -14.25 -14.77 4.05
C VAL A 124 -13.45 -16.03 3.81
N LYS A 125 -14.19 -16.99 3.27
CA LYS A 125 -13.69 -18.32 3.00
C LYS A 125 -12.68 -18.37 1.89
N THR A 126 -12.50 -17.31 1.13
CA THR A 126 -11.51 -17.41 0.09
C THR A 126 -10.14 -16.98 0.63
N PHE A 127 -10.00 -16.66 1.93
CA PHE A 127 -8.80 -16.15 2.55
C PHE A 127 -8.16 -17.15 3.50
N GLN A 128 -6.82 -17.29 3.55
CA GLN A 128 -6.07 -18.08 4.54
C GLN A 128 -6.23 -17.44 5.92
N GLY A 129 -6.04 -16.16 6.06
CA GLY A 129 -6.24 -15.47 7.35
C GLY A 129 -4.91 -15.32 8.05
N PRO A 130 -4.91 -15.24 9.39
CA PRO A 130 -3.70 -15.34 10.18
C PRO A 130 -2.96 -16.63 9.86
N PRO A 131 -1.66 -16.68 9.58
CA PRO A 131 -0.93 -17.90 9.49
C PRO A 131 -1.17 -18.71 10.77
N HIS A 132 -1.50 -18.11 11.98
CA HIS A 132 -1.76 -18.88 13.21
C HIS A 132 -2.97 -18.35 13.99
N GLY A 133 -2.88 -17.13 14.52
CA GLY A 133 -3.94 -16.47 15.27
C GLY A 133 -3.79 -16.75 16.76
N ILE A 134 -4.55 -16.02 17.57
CA ILE A 134 -4.43 -16.17 19.01
C ILE A 134 -4.25 -17.54 19.65
N GLN A 135 -5.16 -18.46 19.46
CA GLN A 135 -5.06 -19.77 20.07
C GLN A 135 -3.79 -20.56 19.74
N VAL A 136 -3.49 -20.93 18.47
CA VAL A 136 -2.34 -21.73 18.11
C VAL A 136 -1.19 -20.96 18.65
N GLU A 137 -1.17 -19.65 18.50
CA GLU A 137 -0.10 -18.88 19.02
C GLU A 137 0.19 -19.15 20.47
N ARG A 138 -0.81 -19.25 21.35
CA ARG A 138 -0.57 -19.55 22.76
C ARG A 138 -0.21 -20.98 22.94
N ASP A 139 -0.74 -21.87 22.16
CA ASP A 139 -0.39 -23.24 22.28
C ASP A 139 1.09 -23.41 21.94
N LYS A 140 1.57 -22.67 20.95
CA LYS A 140 2.93 -22.80 20.36
C LYS A 140 4.05 -22.34 21.25
N LEU A 141 3.62 -21.24 21.83
CA LEU A 141 4.36 -20.41 22.77
C LEU A 141 4.16 -20.86 24.20
N ASN A 142 3.14 -21.69 24.46
CA ASN A 142 2.82 -22.20 25.76
C ASN A 142 2.63 -21.11 26.82
N LYS A 143 1.93 -20.01 26.49
CA LYS A 143 1.76 -18.91 27.41
C LYS A 143 0.31 -18.84 27.56
N TYR A 144 -0.17 -18.84 28.81
CA TYR A 144 -1.59 -18.74 29.11
C TYR A 144 -1.82 -17.79 30.28
N GLY A 145 -3.02 -17.22 30.44
CA GLY A 145 -3.30 -16.40 31.60
C GLY A 145 -2.90 -14.90 31.59
N ARG A 146 -2.10 -14.30 30.74
CA ARG A 146 -1.91 -12.87 30.81
C ARG A 146 -1.75 -12.41 29.41
N PRO A 147 -1.86 -11.09 29.22
CA PRO A 147 -1.29 -10.46 28.07
C PRO A 147 0.22 -10.66 28.07
N LEU A 148 0.72 -10.77 26.87
CA LEU A 148 2.12 -11.05 26.68
C LEU A 148 2.86 -9.71 26.67
N LEU A 149 4.16 -9.73 26.83
CA LEU A 149 4.86 -8.51 27.02
C LEU A 149 5.88 -8.36 25.94
N GLY A 150 6.08 -7.13 25.57
CA GLY A 150 7.03 -6.91 24.54
C GLY A 150 7.86 -5.71 24.88
N CYS A 151 9.05 -5.70 24.32
CA CYS A 151 9.98 -4.62 24.48
C CYS A 151 10.34 -4.13 23.08
N THR A 152 10.34 -2.82 22.89
CA THR A 152 10.71 -2.27 21.64
C THR A 152 12.12 -1.72 21.85
N ILE A 153 13.11 -2.15 21.10
CA ILE A 153 14.45 -1.67 21.20
C ILE A 153 14.53 -0.23 20.78
N LYS A 154 15.30 0.59 21.45
CA LYS A 154 15.38 1.99 21.12
C LYS A 154 16.87 2.34 21.28
N PRO A 155 17.50 3.19 20.45
CA PRO A 155 16.88 3.88 19.30
C PRO A 155 16.65 2.92 18.14
N LYS A 156 15.65 3.23 17.30
CA LYS A 156 15.31 2.39 16.13
C LYS A 156 16.49 2.37 15.15
N LEU A 157 16.69 3.49 14.45
CA LEU A 157 17.85 3.63 13.60
C LEU A 157 18.90 4.19 14.56
N GLY A 158 20.08 3.59 14.61
CA GLY A 158 21.09 4.19 15.44
C GLY A 158 22.26 3.31 15.83
N LEU A 159 21.97 2.11 16.34
CA LEU A 159 23.01 1.24 16.87
C LEU A 159 23.36 0.17 15.86
N SER A 160 24.41 -0.51 16.28
CA SER A 160 24.88 -1.60 15.47
C SER A 160 23.99 -2.75 15.89
N ALA A 161 24.23 -3.79 15.09
CA ALA A 161 23.64 -5.09 15.17
C ALA A 161 23.94 -5.81 16.44
N LYS A 162 25.20 -5.73 16.93
CA LYS A 162 25.52 -6.44 18.20
C LYS A 162 24.88 -5.65 19.31
N ASN A 163 24.75 -4.34 19.12
CA ASN A 163 24.06 -3.58 20.15
C ASN A 163 22.58 -3.84 20.23
N TYR A 164 21.87 -3.78 19.09
CA TYR A 164 20.44 -4.11 18.98
C TYR A 164 20.19 -5.43 19.71
N GLY A 165 21.10 -6.34 19.42
CA GLY A 165 21.10 -7.71 19.84
C GLY A 165 21.32 -7.83 21.29
N ARG A 166 22.21 -7.08 21.91
CA ARG A 166 22.28 -7.13 23.36
C ARG A 166 21.06 -6.54 24.07
N ALA A 167 20.48 -5.44 23.58
CA ALA A 167 19.32 -4.76 24.13
C ALA A 167 18.25 -5.76 24.27
N VAL A 168 18.12 -6.46 23.14
CA VAL A 168 17.17 -7.55 22.97
C VAL A 168 17.20 -8.57 24.08
N TYR A 169 18.37 -9.12 24.34
CA TYR A 169 18.60 -10.12 25.40
C TYR A 169 18.38 -9.60 26.84
N GLU A 170 18.99 -8.50 27.24
CA GLU A 170 18.76 -7.92 28.56
C GLU A 170 17.29 -7.82 28.84
N CYS A 171 16.59 -7.27 27.87
CA CYS A 171 15.16 -7.13 27.88
C CYS A 171 14.45 -8.48 27.98
N LEU A 172 14.86 -9.48 27.20
CA LEU A 172 14.06 -10.66 27.16
C LEU A 172 14.39 -11.48 28.39
N ARG A 173 15.61 -11.45 28.93
CA ARG A 173 15.91 -12.25 30.12
C ARG A 173 15.12 -11.65 31.28
N GLY A 174 14.79 -10.35 31.27
CA GLY A 174 14.03 -9.75 32.34
C GLY A 174 12.58 -10.18 32.33
N GLY A 175 12.16 -11.15 31.55
CA GLY A 175 10.82 -11.63 31.63
C GLY A 175 9.85 -11.02 30.65
N LEU A 176 10.27 -10.17 29.70
CA LEU A 176 9.29 -9.80 28.69
C LEU A 176 9.26 -11.02 27.77
N ASP A 177 8.33 -11.19 26.85
CA ASP A 177 8.25 -12.38 26.04
C ASP A 177 8.80 -12.17 24.64
N PHE A 178 8.69 -10.91 24.15
CA PHE A 178 8.88 -10.50 22.75
C PHE A 178 9.60 -9.18 22.62
N THR A 179 10.50 -8.94 21.63
CA THR A 179 11.16 -7.68 21.42
C THR A 179 10.91 -7.26 19.98
N LYS A 180 10.95 -6.04 19.54
CA LYS A 180 10.52 -5.68 18.23
C LYS A 180 11.61 -4.91 17.52
N ASP A 181 11.78 -5.26 16.25
CA ASP A 181 12.55 -4.43 15.37
C ASP A 181 11.56 -3.32 15.07
N ASP A 182 12.03 -2.08 15.16
CA ASP A 182 11.13 -1.00 14.80
C ASP A 182 10.75 -1.14 13.32
N GLU A 183 9.66 -0.52 12.97
CA GLU A 183 9.16 -0.56 11.62
C GLU A 183 10.10 -0.02 10.58
N ASN A 184 10.99 0.87 10.97
CA ASN A 184 11.92 1.53 10.09
C ASN A 184 13.16 0.71 9.92
N VAL A 185 13.41 -0.29 10.77
CA VAL A 185 14.58 -1.13 10.71
C VAL A 185 14.27 -2.22 9.66
N ASN A 186 14.98 -2.18 8.51
CA ASN A 186 14.93 -3.21 7.48
C ASN A 186 16.43 -3.57 7.30
N SER A 187 17.14 -3.26 6.24
CA SER A 187 18.55 -3.45 6.20
C SER A 187 18.96 -2.01 5.87
N GLN A 188 19.94 -1.40 6.53
CA GLN A 188 20.25 -0.01 6.37
C GLN A 188 21.74 0.08 6.56
N PRO A 189 22.46 1.13 6.12
CA PRO A 189 23.92 1.15 6.28
C PRO A 189 24.41 0.75 7.68
N PHE A 190 23.94 1.33 8.77
CA PHE A 190 24.43 0.94 10.11
C PHE A 190 24.15 -0.53 10.56
N MET A 191 22.99 -1.08 10.15
CA MET A 191 22.55 -2.38 10.54
C MET A 191 21.69 -2.94 9.44
N ARG A 192 22.44 -3.83 8.81
CA ARG A 192 22.08 -4.68 7.68
C ARG A 192 21.27 -5.89 8.18
N TRP A 193 20.27 -6.41 7.47
CA TRP A 193 19.36 -7.38 8.06
C TRP A 193 19.86 -8.67 8.65
N ARG A 194 20.65 -9.38 7.87
CA ARG A 194 21.05 -10.72 8.13
C ARG A 194 21.88 -10.72 9.41
N ASP A 195 22.56 -9.61 9.82
CA ASP A 195 23.32 -9.65 11.06
C ASP A 195 22.41 -9.31 12.24
N ARG A 196 21.44 -8.44 12.05
CA ARG A 196 20.46 -8.19 13.04
C ARG A 196 19.79 -9.51 13.27
N PHE A 197 19.43 -10.27 12.26
CA PHE A 197 18.81 -11.58 12.45
C PHE A 197 19.67 -12.54 13.22
N LEU A 198 20.98 -12.54 12.99
CA LEU A 198 21.83 -13.55 13.60
C LEU A 198 22.06 -13.26 15.10
N PHE A 199 22.21 -11.99 15.42
CA PHE A 199 22.43 -11.53 16.78
C PHE A 199 21.13 -11.50 17.57
N CYS A 200 20.03 -11.06 17.01
CA CYS A 200 18.78 -11.18 17.72
C CYS A 200 18.45 -12.65 17.93
N ALA A 201 18.88 -13.60 17.05
CA ALA A 201 18.59 -15.05 17.22
C ALA A 201 19.34 -15.50 18.44
N GLU A 202 20.68 -15.21 18.45
CA GLU A 202 21.60 -15.49 19.56
C GLU A 202 20.97 -14.93 20.83
N ALA A 203 20.95 -13.62 21.07
CA ALA A 203 20.23 -13.01 22.13
C ALA A 203 18.97 -13.73 22.55
N LEU A 204 17.97 -14.10 21.71
CA LEU A 204 16.73 -14.80 22.23
C LEU A 204 16.83 -16.23 22.72
N TYR A 205 17.78 -17.01 22.19
CA TYR A 205 17.98 -18.35 22.67
C TYR A 205 18.66 -18.35 24.02
N LYS A 206 19.50 -17.33 24.22
CA LYS A 206 20.23 -17.15 25.48
C LYS A 206 19.21 -16.78 26.55
N ALA A 207 18.47 -15.68 26.36
CA ALA A 207 17.44 -15.19 27.24
C ALA A 207 16.43 -16.29 27.63
N GLU A 208 16.07 -17.19 26.66
CA GLU A 208 15.17 -18.33 26.85
C GLU A 208 15.80 -19.48 27.60
N ALA A 209 17.10 -19.66 27.45
CA ALA A 209 17.81 -20.65 28.23
C ALA A 209 18.10 -20.10 29.58
N GLU A 210 17.96 -18.81 29.74
CA GLU A 210 18.10 -18.20 31.03
C GLU A 210 16.82 -18.26 31.84
N THR A 211 15.70 -17.87 31.28
CA THR A 211 14.42 -17.93 31.92
C THR A 211 13.84 -19.35 31.90
N GLY A 212 13.70 -20.02 30.74
CA GLY A 212 12.98 -21.27 30.67
C GLY A 212 11.63 -21.03 30.05
N GLU A 213 11.46 -19.78 29.58
CA GLU A 213 10.23 -19.41 28.92
C GLU A 213 10.47 -19.14 27.42
N ILE A 214 9.62 -19.53 26.44
CA ILE A 214 9.89 -19.24 25.02
C ILE A 214 9.95 -17.73 24.84
N LYS A 215 10.99 -17.27 24.15
CA LYS A 215 11.20 -15.88 23.91
C LYS A 215 11.18 -15.76 22.41
N GLY A 216 10.94 -14.58 21.88
CA GLY A 216 11.08 -14.38 20.45
C GLY A 216 11.18 -12.92 20.04
N HIS A 217 11.78 -12.68 18.90
CA HIS A 217 12.02 -11.33 18.36
C HIS A 217 11.27 -11.15 17.05
N TYR A 218 10.56 -10.05 16.91
CA TYR A 218 9.80 -9.78 15.71
C TYR A 218 10.78 -9.25 14.78
N LEU A 219 11.30 -10.14 13.98
CA LEU A 219 12.25 -9.72 12.97
C LEU A 219 11.59 -9.02 11.79
N ASN A 220 11.85 -7.77 11.50
CA ASN A 220 11.23 -7.10 10.37
C ASN A 220 11.62 -7.63 9.00
N ALA A 221 10.85 -8.55 8.41
CA ALA A 221 11.09 -9.05 7.06
C ALA A 221 10.71 -8.04 5.90
N THR A 222 10.29 -6.80 6.15
CA THR A 222 9.87 -5.86 5.17
C THR A 222 11.06 -5.42 4.33
N ALA A 223 10.81 -5.32 3.02
CA ALA A 223 11.83 -4.92 2.09
C ALA A 223 11.09 -4.35 0.93
N GLY A 224 11.97 -3.93 0.02
CA GLY A 224 11.58 -3.25 -1.19
C GLY A 224 11.16 -4.14 -2.34
N THR A 225 11.43 -5.44 -2.44
CA THR A 225 10.90 -6.29 -3.48
C THR A 225 10.24 -7.47 -2.76
N CYS A 226 9.29 -8.16 -3.38
CA CYS A 226 8.71 -9.42 -2.89
C CYS A 226 9.79 -10.42 -2.58
N GLU A 227 10.70 -10.56 -3.50
CA GLU A 227 11.82 -11.44 -3.35
C GLU A 227 12.66 -11.25 -2.08
N GLU A 228 13.05 -10.01 -1.70
CA GLU A 228 13.87 -9.77 -0.56
C GLU A 228 13.12 -9.99 0.70
N MET A 229 11.85 -9.63 0.75
CA MET A 229 11.04 -9.94 1.92
C MET A 229 11.05 -11.44 2.20
N ILE A 230 10.77 -12.28 1.17
CA ILE A 230 10.80 -13.71 1.36
C ILE A 230 12.21 -14.17 1.74
N LYS A 231 13.25 -13.53 1.19
CA LYS A 231 14.65 -13.88 1.52
C LYS A 231 14.92 -13.72 3.01
N ARG A 232 14.38 -12.70 3.63
CA ARG A 232 14.70 -12.46 5.01
C ARG A 232 13.91 -13.47 5.79
N ALA A 233 12.61 -13.61 5.48
CA ALA A 233 11.76 -14.59 6.09
C ALA A 233 12.35 -16.01 6.10
N VAL A 234 12.85 -16.41 4.94
CA VAL A 234 13.54 -17.66 4.78
C VAL A 234 14.66 -17.74 5.79
N PHE A 235 15.45 -16.70 6.13
CA PHE A 235 16.54 -16.84 7.07
C PHE A 235 16.12 -16.96 8.56
N ALA A 236 14.97 -16.43 8.96
CA ALA A 236 14.36 -16.62 10.26
C ALA A 236 14.02 -18.10 10.45
N ARG A 237 13.56 -18.69 9.36
CA ARG A 237 13.20 -20.07 9.33
C ARG A 237 14.45 -20.89 9.53
N GLU A 238 15.52 -20.45 8.95
CA GLU A 238 16.77 -21.15 9.11
C GLU A 238 17.21 -21.10 10.54
N LEU A 239 16.91 -20.06 11.31
CA LEU A 239 17.34 -20.00 12.70
C LEU A 239 16.41 -20.78 13.62
N GLY A 240 15.19 -21.14 13.22
CA GLY A 240 14.22 -21.76 14.12
C GLY A 240 13.56 -20.70 14.99
N VAL A 241 13.66 -19.42 14.60
CA VAL A 241 13.07 -18.40 15.44
C VAL A 241 11.56 -18.35 15.22
N PRO A 242 10.68 -18.12 16.25
CA PRO A 242 9.24 -18.08 16.16
C PRO A 242 8.50 -16.94 15.50
N ILE A 243 9.01 -15.74 15.21
CA ILE A 243 8.11 -14.75 14.70
C ILE A 243 8.87 -13.80 13.81
N VAL A 244 8.19 -13.32 12.76
CA VAL A 244 8.73 -12.31 11.90
C VAL A 244 7.74 -11.16 11.83
N MET A 245 8.04 -10.08 11.14
CA MET A 245 7.25 -8.86 11.22
C MET A 245 7.13 -8.26 9.87
N HIS A 246 6.03 -7.56 9.60
CA HIS A 246 5.87 -6.86 8.34
C HIS A 246 5.03 -5.65 8.64
N ASP A 247 5.41 -4.51 8.08
CA ASP A 247 4.55 -3.35 8.13
C ASP A 247 3.59 -3.56 6.95
N TYR A 248 2.31 -3.81 7.07
CA TYR A 248 1.51 -4.08 5.89
C TYR A 248 1.03 -2.93 5.04
N LEU A 249 1.21 -1.66 5.41
CA LEU A 249 0.69 -0.62 4.57
C LEU A 249 1.80 -0.08 3.75
N THR A 250 3.00 0.21 4.26
CA THR A 250 4.06 0.56 3.27
C THR A 250 4.48 -0.61 2.29
N GLY A 251 4.72 -1.86 2.76
CA GLY A 251 5.06 -3.03 1.94
C GLY A 251 3.97 -3.37 0.93
N GLY A 252 2.72 -3.43 1.38
CA GLY A 252 1.62 -3.77 0.52
C GLY A 252 0.81 -4.94 1.00
N PHE A 253 -0.45 -4.96 0.51
CA PHE A 253 -1.36 -6.07 0.67
C PHE A 253 -0.92 -7.20 -0.19
N THR A 254 -0.55 -7.09 -1.48
CA THR A 254 -0.03 -8.23 -2.26
C THR A 254 1.10 -8.96 -1.56
N ALA A 255 2.07 -8.19 -1.14
CA ALA A 255 3.21 -8.69 -0.42
C ALA A 255 2.91 -9.29 0.92
N ASN A 256 2.02 -8.62 1.67
CA ASN A 256 1.63 -9.05 3.03
C ASN A 256 1.08 -10.43 2.94
N THR A 257 0.14 -10.63 2.06
CA THR A 257 -0.47 -11.91 1.81
C THR A 257 0.61 -12.92 1.48
N SER A 258 1.58 -12.68 0.59
CA SER A 258 2.68 -13.59 0.38
C SER A 258 3.50 -13.76 1.70
N LEU A 259 3.85 -12.83 2.61
CA LEU A 259 4.57 -13.21 3.78
C LEU A 259 3.77 -14.07 4.72
N ALA A 260 2.49 -13.78 4.69
CA ALA A 260 1.54 -14.50 5.50
C ALA A 260 1.33 -15.89 5.00
N HIS A 261 1.43 -16.22 3.72
CA HIS A 261 1.29 -17.63 3.35
C HIS A 261 2.64 -18.30 3.51
N TYR A 262 3.74 -17.56 3.40
CA TYR A 262 5.05 -18.14 3.64
C TYR A 262 4.98 -18.50 5.11
N CYS A 263 4.52 -17.67 6.06
CA CYS A 263 4.67 -18.05 7.45
C CYS A 263 3.70 -19.15 7.66
N ARG A 264 2.53 -19.33 7.08
CA ARG A 264 1.71 -20.41 7.49
C ARG A 264 2.38 -21.74 7.21
N ASP A 265 2.97 -21.74 6.05
CA ASP A 265 3.53 -22.97 5.57
C ASP A 265 4.82 -23.35 6.23
N ASN A 266 5.40 -22.44 7.00
CA ASN A 266 6.69 -22.61 7.65
C ASN A 266 6.70 -22.49 9.14
N GLY A 267 5.55 -22.09 9.71
CA GLY A 267 5.30 -22.08 11.14
C GLY A 267 5.82 -20.92 11.92
N LEU A 268 5.91 -19.76 11.30
CA LEU A 268 6.46 -18.55 11.89
C LEU A 268 5.21 -17.72 12.14
N LEU A 269 5.28 -16.90 13.18
CA LEU A 269 4.17 -16.03 13.52
C LEU A 269 4.45 -14.71 12.88
N LEU A 270 3.44 -13.85 12.73
CA LEU A 270 3.67 -12.64 11.98
C LEU A 270 3.20 -11.49 12.81
N HIS A 271 4.06 -10.62 13.15
CA HIS A 271 3.65 -9.47 13.87
C HIS A 271 3.41 -8.36 12.86
N ILE A 272 2.17 -7.93 12.65
CA ILE A 272 2.01 -6.90 11.71
C ILE A 272 1.99 -5.52 12.35
N HIS A 273 2.80 -4.61 11.84
CA HIS A 273 2.85 -3.23 12.21
C HIS A 273 2.08 -2.36 11.20
N ARG A 274 1.30 -1.42 11.68
CA ARG A 274 0.42 -0.70 10.80
C ARG A 274 1.02 0.65 10.45
N ALA A 275 2.32 0.77 10.14
CA ALA A 275 2.91 2.09 9.92
C ALA A 275 2.21 2.64 8.72
N MET A 276 2.11 3.97 8.69
CA MET A 276 1.41 4.72 7.62
C MET A 276 -0.07 4.77 7.79
N HIS A 277 -0.67 4.05 8.73
CA HIS A 277 -2.12 4.06 8.77
C HIS A 277 -2.74 5.42 9.05
N ALA A 278 -2.10 6.36 9.79
CA ALA A 278 -2.82 7.59 10.14
C ALA A 278 -2.94 8.59 8.99
N VAL A 279 -2.18 8.25 7.94
CA VAL A 279 -2.24 8.95 6.69
C VAL A 279 -3.65 8.67 6.16
N ILE A 280 -4.10 7.40 6.09
CA ILE A 280 -5.48 7.09 5.71
C ILE A 280 -6.59 7.21 6.78
N ASP A 281 -6.32 6.88 8.04
CA ASP A 281 -7.40 6.73 9.00
C ASP A 281 -7.65 7.73 10.11
N ARG A 282 -6.89 8.84 10.10
CA ARG A 282 -7.00 9.75 11.24
C ARG A 282 -8.21 10.69 11.11
N GLN A 283 -8.41 11.20 9.88
CA GLN A 283 -9.46 12.18 9.72
C GLN A 283 -10.79 11.47 9.58
N LYS A 284 -11.64 12.21 10.26
CA LYS A 284 -12.99 11.84 10.59
C LYS A 284 -13.91 11.87 9.42
N ASN A 285 -13.60 12.73 8.47
CA ASN A 285 -14.40 13.00 7.28
C ASN A 285 -13.76 12.43 6.03
N HIS A 286 -12.51 11.97 6.02
CA HIS A 286 -11.96 11.42 4.79
C HIS A 286 -10.91 10.45 5.20
N GLY A 287 -11.10 9.34 4.51
CA GLY A 287 -10.18 8.24 4.58
C GLY A 287 -10.90 6.93 4.67
N ILE A 288 -10.20 6.00 5.30
CA ILE A 288 -10.77 4.71 5.53
C ILE A 288 -10.45 4.61 7.01
N HIS A 289 -11.44 4.12 7.75
CA HIS A 289 -11.37 4.01 9.19
C HIS A 289 -10.55 2.80 9.60
N PHE A 290 -9.53 2.84 10.47
CA PHE A 290 -8.76 1.66 10.95
C PHE A 290 -9.52 0.37 11.15
N ARG A 291 -10.83 0.33 11.47
CA ARG A 291 -11.45 -0.98 11.67
C ARG A 291 -11.46 -1.65 10.33
N VAL A 292 -11.69 -0.95 9.21
CA VAL A 292 -11.67 -1.52 7.84
C VAL A 292 -10.23 -1.95 7.56
N LEU A 293 -9.26 -1.04 7.77
CA LEU A 293 -7.86 -1.42 7.64
C LEU A 293 -7.49 -2.59 8.49
N ALA A 294 -8.22 -3.15 9.44
CA ALA A 294 -7.75 -4.36 10.15
C ALA A 294 -8.53 -5.59 9.80
N LYS A 295 -9.65 -5.39 9.12
CA LYS A 295 -10.44 -6.49 8.63
C LYS A 295 -9.71 -6.98 7.40
N ALA A 296 -9.04 -6.01 6.78
CA ALA A 296 -8.24 -6.23 5.61
C ALA A 296 -7.04 -7.02 6.12
N LEU A 297 -6.32 -6.61 7.16
CA LEU A 297 -5.28 -7.46 7.73
C LEU A 297 -5.85 -8.77 8.32
N ARG A 298 -6.95 -8.99 9.10
CA ARG A 298 -7.33 -10.32 9.57
C ARG A 298 -7.47 -11.22 8.35
N MET A 299 -7.85 -10.72 7.17
CA MET A 299 -7.98 -11.52 5.97
C MET A 299 -6.73 -11.73 5.20
N SER A 300 -5.88 -10.74 5.09
CA SER A 300 -4.65 -10.82 4.34
C SER A 300 -3.74 -11.69 5.21
N GLY A 301 -3.59 -11.35 6.51
CA GLY A 301 -2.96 -12.28 7.40
C GLY A 301 -1.88 -11.64 8.18
N GLY A 302 -2.00 -11.86 9.50
CA GLY A 302 -1.09 -11.41 10.49
C GLY A 302 -1.56 -12.07 11.76
N ASP A 303 -0.62 -12.27 12.68
CA ASP A 303 -0.95 -12.92 13.95
C ASP A 303 -1.10 -11.95 15.12
N HIS A 304 -0.33 -10.84 15.07
CA HIS A 304 -0.44 -9.72 15.97
C HIS A 304 -0.76 -8.50 15.10
N ILE A 305 -1.53 -7.49 15.52
CA ILE A 305 -1.68 -6.25 14.76
C ILE A 305 -1.68 -5.16 15.85
N HIS A 306 -0.97 -4.04 15.55
CA HIS A 306 -0.90 -2.93 16.48
C HIS A 306 -2.26 -2.27 16.46
N SER A 307 -2.86 -2.08 17.63
CA SER A 307 -4.09 -1.35 17.76
C SER A 307 -3.90 -0.01 18.51
N GLY A 308 -2.68 0.36 18.87
CA GLY A 308 -2.43 1.66 19.44
C GLY A 308 -2.57 1.54 20.91
N THR A 309 -2.66 2.67 21.58
CA THR A 309 -2.86 2.70 23.03
C THR A 309 -4.21 3.33 23.30
N VAL A 310 -4.58 3.20 24.56
CA VAL A 310 -5.91 3.63 24.90
C VAL A 310 -5.86 4.59 26.04
N VAL A 311 -5.12 4.20 27.06
CA VAL A 311 -4.98 5.06 28.20
C VAL A 311 -3.93 6.12 27.76
N GLY A 312 -4.64 7.12 27.25
CA GLY A 312 -4.15 8.35 26.68
C GLY A 312 -5.36 8.95 25.93
N LYS A 313 -5.89 8.14 25.02
CA LYS A 313 -6.97 8.54 24.14
C LYS A 313 -8.26 7.93 24.75
N LEU A 314 -9.01 8.72 25.52
CA LEU A 314 -9.99 8.11 26.39
C LEU A 314 -11.45 7.77 26.00
N GLU A 315 -12.22 7.33 27.04
CA GLU A 315 -13.59 6.78 26.98
C GLU A 315 -14.67 7.47 26.18
N GLY A 316 -15.28 6.61 25.37
CA GLY A 316 -16.19 7.06 24.34
C GLY A 316 -15.53 6.65 23.01
N GLU A 317 -14.25 7.00 22.87
CA GLU A 317 -13.41 6.61 21.72
C GLU A 317 -12.74 5.27 22.02
N ARG A 318 -12.58 5.00 23.31
CA ARG A 318 -12.21 3.71 23.84
C ARG A 318 -13.25 2.68 23.38
N ASP A 319 -14.51 3.06 23.25
CA ASP A 319 -15.57 2.20 22.69
C ASP A 319 -15.33 1.78 21.25
N ILE A 320 -14.79 2.64 20.35
CA ILE A 320 -14.53 2.15 19.01
C ILE A 320 -13.26 1.29 19.06
N THR A 321 -12.20 1.57 19.85
CA THR A 321 -11.08 0.63 20.09
C THR A 321 -11.66 -0.68 20.51
N LEU A 322 -12.54 -0.67 21.47
CA LEU A 322 -13.09 -1.92 21.86
C LEU A 322 -13.93 -2.46 20.75
N GLY A 323 -14.52 -1.68 19.88
CA GLY A 323 -15.21 -2.22 18.72
C GLY A 323 -14.24 -2.92 17.78
N PHE A 324 -13.05 -2.39 17.43
CA PHE A 324 -12.29 -3.17 16.46
C PHE A 324 -11.44 -4.22 17.12
N VAL A 325 -11.03 -4.20 18.40
CA VAL A 325 -10.35 -5.34 19.02
C VAL A 325 -11.16 -6.65 18.89
N ASP A 326 -12.46 -6.55 19.15
CA ASP A 326 -13.45 -7.58 18.93
C ASP A 326 -13.49 -7.93 17.47
N LEU A 327 -13.58 -6.97 16.57
CA LEU A 327 -13.64 -7.33 15.16
C LEU A 327 -12.43 -8.16 14.81
N LEU A 328 -11.29 -7.89 15.47
CA LEU A 328 -10.07 -8.65 15.26
C LEU A 328 -10.08 -10.05 15.89
N ARG A 329 -10.44 -10.07 17.18
CA ARG A 329 -10.29 -11.23 17.98
C ARG A 329 -11.42 -12.22 17.91
N ASP A 330 -12.66 -11.76 17.62
CA ASP A 330 -13.89 -12.57 17.73
C ASP A 330 -14.48 -13.26 16.55
N ASP A 331 -15.20 -14.37 16.75
CA ASP A 331 -15.67 -15.12 15.58
C ASP A 331 -16.87 -14.46 14.92
N PHE A 332 -17.56 -13.64 15.72
CA PHE A 332 -18.76 -13.01 15.20
C PHE A 332 -18.92 -11.70 15.97
N VAL A 333 -18.83 -10.58 15.27
CA VAL A 333 -19.06 -9.38 15.98
C VAL A 333 -20.29 -8.78 15.34
N GLU A 334 -21.35 -8.96 16.09
CA GLU A 334 -22.58 -8.39 15.69
C GLU A 334 -22.66 -6.86 15.88
N GLN A 335 -23.60 -6.38 15.09
CA GLN A 335 -23.98 -5.01 14.88
C GLN A 335 -24.07 -4.17 16.11
N ASP A 336 -23.23 -3.17 16.19
CA ASP A 336 -23.24 -2.33 17.36
C ASP A 336 -22.72 -0.95 17.00
N ARG A 337 -23.69 -0.13 16.60
CA ARG A 337 -23.30 1.16 16.10
C ARG A 337 -22.81 2.14 17.16
N SER A 338 -22.67 1.77 18.44
CA SER A 338 -22.00 2.68 19.39
C SER A 338 -20.52 2.33 19.42
N ARG A 339 -20.08 1.06 19.18
CA ARG A 339 -18.66 0.73 19.14
C ARG A 339 -18.06 0.83 17.74
N GLY A 340 -18.91 1.34 16.81
CA GLY A 340 -18.57 1.59 15.43
C GLY A 340 -18.72 0.34 14.54
N ILE A 341 -19.49 -0.67 14.95
CA ILE A 341 -19.64 -1.87 14.16
C ILE A 341 -20.89 -1.46 13.40
N TYR A 342 -20.86 -1.15 12.11
CA TYR A 342 -22.09 -0.75 11.45
C TYR A 342 -22.84 -1.94 10.92
N PHE A 343 -22.18 -3.09 10.97
CA PHE A 343 -22.74 -4.31 10.43
C PHE A 343 -22.28 -5.43 11.36
N THR A 344 -23.08 -6.46 11.50
CA THR A 344 -22.65 -7.72 12.10
C THR A 344 -21.51 -8.33 11.22
N GLN A 345 -20.57 -9.07 11.79
CA GLN A 345 -19.54 -9.74 11.07
C GLN A 345 -19.38 -11.10 11.63
N ASP A 346 -19.56 -12.06 10.76
CA ASP A 346 -19.35 -13.44 11.07
C ASP A 346 -18.06 -13.83 10.37
N TRP A 347 -17.02 -13.99 11.16
CA TRP A 347 -15.74 -14.42 10.67
C TRP A 347 -15.62 -15.89 10.30
N VAL A 348 -16.64 -16.74 10.28
CA VAL A 348 -16.64 -18.16 9.96
C VAL A 348 -15.41 -19.03 10.12
N SER A 349 -14.79 -18.83 11.26
CA SER A 349 -13.62 -19.51 11.80
C SER A 349 -12.26 -19.20 11.29
N LEU A 350 -12.15 -17.93 10.86
CA LEU A 350 -10.87 -17.32 10.51
C LEU A 350 -10.23 -17.04 11.85
N PRO A 351 -8.97 -17.34 12.06
CA PRO A 351 -8.30 -17.08 13.30
C PRO A 351 -8.29 -15.60 13.66
N GLY A 352 -8.21 -15.30 14.97
CA GLY A 352 -8.26 -13.95 15.46
C GLY A 352 -6.85 -13.41 15.46
N VAL A 353 -6.72 -12.10 15.51
CA VAL A 353 -5.41 -11.47 15.56
C VAL A 353 -5.41 -10.88 16.98
N LEU A 354 -4.26 -10.95 17.63
CA LEU A 354 -3.91 -10.47 18.95
C LEU A 354 -3.59 -8.98 18.77
N PRO A 355 -4.33 -8.07 19.37
CA PRO A 355 -3.97 -6.69 19.58
C PRO A 355 -2.71 -6.39 20.31
N VAL A 356 -1.87 -5.55 19.73
CA VAL A 356 -0.65 -5.09 20.39
C VAL A 356 -1.01 -3.68 20.79
N ALA A 357 -1.03 -3.34 22.05
CA ALA A 357 -1.23 -2.00 22.56
C ALA A 357 0.17 -1.40 22.68
N SER A 358 0.34 -0.14 22.30
CA SER A 358 1.67 0.44 22.20
C SER A 358 1.64 1.93 22.33
N GLY A 359 2.65 2.48 23.00
CA GLY A 359 2.84 3.92 23.10
C GLY A 359 2.19 4.64 24.31
N GLY A 360 3.06 5.36 24.98
CA GLY A 360 2.72 6.10 26.19
C GLY A 360 2.83 5.30 27.48
N ILE A 361 3.00 3.98 27.31
CA ILE A 361 2.92 3.01 28.38
C ILE A 361 4.23 2.67 29.15
N HIS A 362 3.89 2.40 30.39
CA HIS A 362 4.76 2.19 31.54
C HIS A 362 3.86 1.73 32.66
N VAL A 363 4.29 1.37 33.89
CA VAL A 363 3.29 0.80 34.78
C VAL A 363 2.00 1.43 35.33
N TRP A 364 1.50 2.72 35.59
CA TRP A 364 0.07 2.78 36.08
C TRP A 364 -1.03 2.52 35.06
N HIS A 365 -0.48 2.18 33.91
CA HIS A 365 -1.27 1.84 32.78
C HIS A 365 -1.62 0.39 32.92
N MET A 366 -0.78 -0.39 33.58
CA MET A 366 -0.95 -1.81 33.58
C MET A 366 -2.36 -2.26 33.88
N PRO A 367 -3.07 -1.87 34.96
CA PRO A 367 -4.38 -2.44 35.27
C PRO A 367 -5.41 -2.07 34.22
N ALA A 368 -5.38 -0.83 33.74
CA ALA A 368 -6.31 -0.27 32.75
C ALA A 368 -6.20 -1.00 31.43
N LEU A 369 -4.94 -1.12 30.98
CA LEU A 369 -4.62 -1.86 29.78
C LEU A 369 -5.09 -3.27 29.87
N THR A 370 -4.69 -3.89 30.98
CA THR A 370 -5.09 -5.23 31.37
C THR A 370 -6.61 -5.34 31.37
N GLU A 371 -7.32 -4.24 31.66
CA GLU A 371 -8.76 -4.26 31.69
C GLU A 371 -9.37 -3.94 30.33
N ILE A 372 -8.77 -3.03 29.54
CA ILE A 372 -9.37 -2.62 28.29
C ILE A 372 -9.30 -3.83 27.42
N PHE A 373 -8.10 -4.41 27.44
CA PHE A 373 -7.74 -5.51 26.56
C PHE A 373 -7.93 -6.88 27.10
N GLY A 374 -7.63 -7.07 28.37
CA GLY A 374 -7.69 -8.40 28.97
C GLY A 374 -6.51 -9.28 28.54
N ASP A 375 -6.73 -10.58 28.73
CA ASP A 375 -5.74 -11.56 28.40
C ASP A 375 -5.19 -11.59 27.00
N ASP A 376 -6.04 -11.37 25.99
CA ASP A 376 -5.60 -11.57 24.61
C ASP A 376 -4.96 -10.36 23.95
N SER A 377 -3.85 -9.93 24.50
CA SER A 377 -3.25 -8.77 23.92
C SER A 377 -1.76 -8.84 24.11
N VAL A 378 -1.03 -7.95 23.43
CA VAL A 378 0.41 -7.79 23.64
C VAL A 378 0.61 -6.36 24.15
N LEU A 379 1.21 -6.16 25.34
CA LEU A 379 1.49 -4.86 25.89
C LEU A 379 2.95 -4.72 25.55
N GLN A 380 3.18 -3.76 24.65
CA GLN A 380 4.50 -3.47 24.06
C GLN A 380 5.14 -2.19 24.62
N PHE A 381 6.18 -2.24 25.42
CA PHE A 381 6.79 -1.06 26.01
C PHE A 381 8.10 -0.73 25.34
N GLY A 382 8.37 0.54 25.14
CA GLY A 382 9.63 0.95 24.56
C GLY A 382 10.43 1.47 25.74
N GLY A 383 10.02 2.68 26.11
CA GLY A 383 10.52 3.38 27.29
C GLY A 383 10.02 2.75 28.59
N GLY A 384 8.78 2.18 28.70
CA GLY A 384 8.28 1.49 29.90
C GLY A 384 9.23 0.43 30.46
N THR A 385 10.04 -0.10 29.54
CA THR A 385 11.09 -1.04 29.83
C THR A 385 12.42 -0.36 29.64
N LEU A 386 12.85 -0.03 28.42
CA LEU A 386 14.18 0.51 28.17
C LEU A 386 14.60 1.73 28.99
N GLY A 387 13.63 2.59 29.30
CA GLY A 387 13.86 3.80 30.07
C GLY A 387 13.80 3.59 31.58
N HIS A 388 14.16 2.39 32.05
CA HIS A 388 14.20 2.11 33.47
C HIS A 388 15.60 2.51 33.90
N PRO A 389 15.65 3.33 34.98
CA PRO A 389 16.72 3.47 35.90
C PRO A 389 17.78 2.42 35.94
N TRP A 390 17.40 1.16 36.12
CA TRP A 390 18.38 0.09 36.29
C TRP A 390 18.64 -0.68 35.02
N GLY A 391 18.19 -0.09 33.91
CA GLY A 391 18.32 -0.65 32.59
C GLY A 391 17.26 -1.67 32.27
N ASN A 392 17.60 -2.28 31.14
CA ASN A 392 16.76 -3.24 30.43
C ASN A 392 16.11 -4.46 31.11
N ALA A 393 16.85 -5.31 31.82
CA ALA A 393 16.27 -6.43 32.52
C ALA A 393 15.46 -5.93 33.71
N PRO A 394 15.92 -5.10 34.70
CA PRO A 394 15.05 -4.43 35.63
C PRO A 394 13.83 -3.83 35.06
N GLY A 395 13.86 -3.11 33.96
CA GLY A 395 12.62 -2.67 33.34
C GLY A 395 11.74 -3.87 32.92
N ALA A 396 12.30 -4.97 32.40
CA ALA A 396 11.49 -6.06 31.95
C ALA A 396 10.75 -6.62 33.17
N VAL A 397 11.46 -7.11 34.18
CA VAL A 397 10.91 -7.54 35.49
C VAL A 397 9.87 -6.57 36.05
N ALA A 398 10.16 -5.30 36.03
CA ALA A 398 9.29 -4.26 36.47
C ALA A 398 7.99 -4.21 35.68
N ASN A 399 7.86 -4.28 34.34
CA ASN A 399 6.49 -4.30 33.72
C ASN A 399 5.76 -5.62 33.93
N ARG A 400 6.54 -6.68 33.85
CA ARG A 400 6.11 -8.00 34.16
C ARG A 400 5.51 -8.21 35.55
N VAL A 401 6.18 -8.04 36.71
CA VAL A 401 5.56 -8.27 38.02
C VAL A 401 4.38 -7.33 38.13
N ALA A 402 4.45 -6.12 37.53
CA ALA A 402 3.31 -5.22 37.48
C ALA A 402 2.07 -5.85 36.81
N LEU A 403 2.31 -6.60 35.74
CA LEU A 403 1.26 -7.26 35.00
C LEU A 403 0.72 -8.40 35.79
N GLU A 404 1.60 -9.18 36.37
CA GLU A 404 1.17 -10.33 37.13
C GLU A 404 0.43 -9.91 38.37
N ALA A 405 0.77 -8.76 38.98
CA ALA A 405 -0.01 -8.17 40.06
C ALA A 405 -1.36 -7.83 39.45
N CYS A 406 -1.45 -7.18 38.29
CA CYS A 406 -2.72 -6.96 37.64
C CYS A 406 -3.51 -8.22 37.31
N VAL A 407 -2.87 -9.33 36.99
CA VAL A 407 -3.57 -10.59 36.77
C VAL A 407 -4.14 -11.11 38.12
N LYS A 408 -3.32 -11.23 39.16
CA LYS A 408 -3.71 -11.77 40.44
C LYS A 408 -4.82 -10.88 40.93
N ALA A 409 -4.65 -9.58 41.11
CA ALA A 409 -5.76 -8.75 41.51
C ALA A 409 -7.04 -9.02 40.72
N ARG A 410 -7.08 -9.01 39.39
CA ARG A 410 -8.30 -9.30 38.66
C ARG A 410 -8.86 -10.67 39.07
N ASN A 411 -7.96 -11.63 39.22
CA ASN A 411 -8.33 -13.00 39.47
C ASN A 411 -8.92 -13.18 40.83
N GLU A 412 -8.48 -12.39 41.79
CA GLU A 412 -9.14 -12.45 43.09
C GLU A 412 -10.03 -11.22 43.18
N GLY A 413 -10.96 -11.28 42.22
CA GLY A 413 -11.99 -10.32 41.96
C GLY A 413 -11.76 -8.86 42.31
N ARG A 414 -10.60 -8.27 42.17
CA ARG A 414 -10.50 -6.86 42.42
C ARG A 414 -10.80 -6.11 41.14
N ASP A 415 -11.17 -4.85 41.25
CA ASP A 415 -11.57 -4.08 40.10
C ASP A 415 -10.44 -3.16 39.68
N LEU A 416 -9.72 -3.62 38.67
CA LEU A 416 -8.56 -2.94 38.13
C LEU A 416 -8.93 -1.51 37.75
N ALA A 417 -10.18 -1.35 37.32
CA ALA A 417 -10.65 -0.02 36.98
C ALA A 417 -10.64 0.95 38.15
N GLN A 418 -10.94 0.55 39.38
CA GLN A 418 -10.78 1.50 40.47
C GLN A 418 -9.57 1.20 41.33
N GLU A 419 -9.32 -0.04 41.73
CA GLU A 419 -8.17 -0.34 42.56
C GLU A 419 -6.83 -0.24 41.86
N GLY A 420 -6.82 -0.11 40.52
CA GLY A 420 -5.62 -0.10 39.68
C GLY A 420 -4.30 0.50 40.19
N ASN A 421 -4.34 1.82 40.29
CA ASN A 421 -3.25 2.66 40.78
C ASN A 421 -2.79 2.07 42.08
N GLU A 422 -3.80 1.65 42.89
CA GLU A 422 -3.57 1.09 44.23
C GLU A 422 -2.90 -0.28 44.20
N ILE A 423 -3.40 -1.08 43.25
CA ILE A 423 -2.88 -2.45 43.05
C ILE A 423 -1.37 -2.37 42.77
N ILE A 424 -1.04 -1.44 41.84
CA ILE A 424 0.35 -1.15 41.49
C ILE A 424 1.08 -0.63 42.74
N ARG A 425 0.39 0.11 43.66
CA ARG A 425 0.96 0.63 44.91
C ARG A 425 1.42 -0.54 45.75
N GLU A 426 0.58 -1.54 45.86
CA GLU A 426 0.93 -2.71 46.65
C GLU A 426 2.21 -3.41 46.16
N ALA A 427 2.29 -3.53 44.82
CA ALA A 427 3.36 -4.21 44.05
C ALA A 427 4.72 -3.56 44.09
N CYS A 428 4.73 -2.22 44.11
CA CYS A 428 5.97 -1.46 44.25
C CYS A 428 6.79 -1.82 45.48
N LYS A 429 5.97 -2.04 46.47
CA LYS A 429 6.39 -2.34 47.80
C LYS A 429 7.13 -3.63 47.81
N TRP A 430 6.57 -4.74 47.31
CA TRP A 430 7.39 -5.94 47.43
C TRP A 430 8.41 -6.04 46.30
N SER A 431 8.47 -5.20 45.25
CA SER A 431 9.52 -5.35 44.26
C SER A 431 10.52 -4.21 44.23
N PRO A 432 11.85 -4.37 44.51
CA PRO A 432 12.90 -3.35 44.29
C PRO A 432 12.96 -2.64 42.91
N GLU A 433 13.10 -3.58 41.97
CA GLU A 433 13.08 -3.38 40.54
C GLU A 433 11.86 -2.57 40.13
N LEU A 434 10.64 -3.03 40.49
CA LEU A 434 9.41 -2.31 40.18
C LEU A 434 9.37 -1.04 40.96
N ALA A 435 9.84 -0.96 42.19
CA ALA A 435 9.74 0.26 42.96
C ALA A 435 10.43 1.42 42.30
N ALA A 436 11.68 1.22 41.80
CA ALA A 436 12.39 2.26 41.08
C ALA A 436 11.70 2.72 39.79
N ALA A 437 10.82 1.88 39.24
CA ALA A 437 10.02 2.15 38.07
C ALA A 437 8.88 2.96 38.66
N CYS A 438 8.22 2.66 39.79
CA CYS A 438 7.17 3.48 40.36
C CYS A 438 7.66 4.87 40.68
N GLU A 439 8.92 5.08 41.04
CA GLU A 439 9.50 6.40 41.26
C GLU A 439 9.43 7.26 40.01
N VAL A 440 10.12 6.88 38.91
CA VAL A 440 10.15 7.68 37.67
C VAL A 440 8.73 7.80 37.07
N TRP A 441 7.89 6.79 37.31
CA TRP A 441 6.41 6.76 37.15
C TRP A 441 5.96 8.08 37.81
N LYS A 442 6.10 8.12 39.17
CA LYS A 442 5.72 9.23 40.01
C LYS A 442 6.52 10.52 39.94
N GLU A 443 7.58 10.54 39.12
CA GLU A 443 8.21 11.80 38.70
C GLU A 443 7.14 12.54 37.84
N ILE A 444 6.13 11.83 37.26
CA ILE A 444 4.93 12.48 36.72
C ILE A 444 3.61 11.96 37.35
N VAL A 445 3.62 10.93 38.24
CA VAL A 445 2.40 10.39 38.84
C VAL A 445 2.03 11.11 40.16
N PHE A 446 1.86 10.44 41.33
CA PHE A 446 1.26 11.05 42.53
C PHE A 446 1.89 10.91 43.93
N MET B 1 21.77 0.51 42.35
CA MET B 1 20.95 0.21 41.18
C MET B 1 21.33 -1.26 41.04
N GLN B 2 20.37 -2.17 40.91
CA GLN B 2 20.62 -3.61 40.91
C GLN B 2 20.68 -4.37 39.57
N VAL B 3 21.25 -5.55 39.75
CA VAL B 3 21.40 -6.57 38.72
C VAL B 3 20.36 -7.67 39.06
N TRP B 4 19.81 -8.27 37.99
CA TRP B 4 18.84 -9.34 38.12
C TRP B 4 19.63 -10.59 37.71
N PRO B 5 19.45 -11.73 38.44
CA PRO B 5 20.34 -12.88 38.34
C PRO B 5 20.20 -13.59 37.01
N PRO B 6 21.37 -13.79 36.37
CA PRO B 6 21.58 -14.71 35.27
C PRO B 6 21.47 -16.15 35.78
N ILE B 7 21.79 -16.43 37.05
CA ILE B 7 21.62 -17.80 37.50
C ILE B 7 20.41 -17.78 38.39
N ASN B 8 19.74 -18.89 38.15
CA ASN B 8 18.65 -19.35 38.97
C ASN B 8 17.44 -18.45 39.00
N LYS B 9 17.08 -17.73 37.94
CA LYS B 9 15.77 -17.09 37.99
C LYS B 9 14.87 -17.71 36.92
N LYS B 10 14.90 -19.05 36.93
CA LYS B 10 14.12 -19.86 36.01
C LYS B 10 12.66 -19.56 36.32
N LYS B 11 11.85 -19.36 35.30
CA LYS B 11 10.49 -18.93 35.49
C LYS B 11 9.49 -19.95 34.98
N TYR B 12 8.25 -19.95 35.56
CA TYR B 12 7.18 -20.92 35.15
C TYR B 12 5.84 -20.23 34.70
N GLU B 13 6.16 -19.18 33.95
CA GLU B 13 5.28 -18.28 33.29
C GLU B 13 4.33 -17.57 34.25
N THR B 14 3.05 -17.57 33.99
CA THR B 14 2.12 -16.86 34.77
C THR B 14 2.18 -17.34 36.20
N LEU B 15 2.25 -16.15 36.81
CA LEU B 15 2.37 -15.81 38.23
C LEU B 15 3.74 -16.08 38.85
N SER B 16 4.75 -16.41 38.03
CA SER B 16 6.01 -16.73 38.64
C SER B 16 6.98 -15.59 38.89
N TYR B 17 6.69 -14.32 38.61
CA TYR B 17 7.61 -13.23 39.01
C TYR B 17 6.99 -12.54 40.19
N LEU B 18 6.00 -13.20 40.78
CA LEU B 18 5.34 -12.76 41.99
C LEU B 18 5.97 -13.56 43.13
N PRO B 19 5.76 -13.20 44.40
CA PRO B 19 6.04 -14.13 45.49
C PRO B 19 5.29 -15.44 45.25
N ASP B 20 5.73 -16.50 45.91
CA ASP B 20 5.02 -17.74 45.77
C ASP B 20 3.66 -17.55 46.43
N LEU B 21 2.61 -18.07 45.78
CA LEU B 21 1.25 -17.91 46.23
C LEU B 21 1.09 -18.77 47.47
N SER B 22 0.43 -18.24 48.47
CA SER B 22 0.14 -19.01 49.66
C SER B 22 -1.07 -19.81 49.28
N GLN B 23 -1.40 -20.92 49.96
CA GLN B 23 -2.57 -21.74 49.62
C GLN B 23 -3.90 -21.03 49.48
N GLU B 24 -3.91 -19.83 50.07
CA GLU B 24 -4.95 -18.85 50.02
C GLU B 24 -4.90 -18.22 48.61
N GLN B 25 -3.76 -17.68 48.19
CA GLN B 25 -3.64 -17.10 46.86
C GLN B 25 -3.83 -18.20 45.83
N LEU B 26 -3.24 -19.39 45.96
CA LEU B 26 -3.53 -20.50 45.06
C LEU B 26 -4.98 -20.82 45.07
N LEU B 27 -5.63 -20.84 46.23
CA LEU B 27 -7.03 -21.19 46.22
C LEU B 27 -7.93 -20.19 45.48
N SER B 28 -7.68 -18.90 45.66
CA SER B 28 -8.44 -17.85 44.99
C SER B 28 -8.34 -17.97 43.47
N GLU B 29 -7.13 -18.28 42.94
CA GLU B 29 -6.84 -18.57 41.52
C GLU B 29 -7.69 -19.76 41.03
N VAL B 30 -7.64 -20.89 41.76
CA VAL B 30 -8.38 -22.08 41.41
C VAL B 30 -9.87 -21.76 41.48
N GLU B 31 -10.25 -20.85 42.39
CA GLU B 31 -11.64 -20.43 42.55
C GLU B 31 -12.01 -19.44 41.41
N TYR B 32 -11.09 -18.70 40.78
CA TYR B 32 -11.35 -17.85 39.64
C TYR B 32 -11.64 -18.62 38.41
N LEU B 33 -10.77 -19.60 38.25
CA LEU B 33 -10.75 -20.53 37.13
C LEU B 33 -12.18 -21.03 36.97
N LEU B 34 -12.53 -21.60 38.10
CA LEU B 34 -13.85 -22.13 38.35
C LEU B 34 -14.92 -21.07 38.20
N LYS B 35 -14.78 -19.81 38.58
CA LYS B 35 -15.89 -18.88 38.44
C LYS B 35 -16.02 -18.38 37.00
N ASN B 36 -15.07 -18.71 36.13
CA ASN B 36 -15.27 -18.46 34.71
C ASN B 36 -15.80 -19.68 33.95
N GLY B 37 -15.79 -20.89 34.52
CA GLY B 37 -16.35 -22.04 33.84
C GLY B 37 -15.27 -22.96 33.33
N TRP B 38 -14.06 -22.81 33.82
CA TRP B 38 -12.97 -23.54 33.24
C TRP B 38 -12.55 -24.72 34.03
N VAL B 39 -12.48 -25.90 33.41
CA VAL B 39 -12.08 -27.15 34.06
C VAL B 39 -10.60 -27.22 34.49
N PRO B 40 -10.25 -27.34 35.79
CA PRO B 40 -8.86 -27.33 36.25
C PRO B 40 -8.23 -28.70 36.01
N CYS B 41 -6.89 -28.77 35.88
CA CYS B 41 -6.21 -30.04 35.69
C CYS B 41 -4.80 -29.79 36.22
N LEU B 42 -4.04 -30.81 36.52
CA LEU B 42 -2.73 -30.63 37.06
C LEU B 42 -1.78 -31.31 36.11
N GLU B 43 -0.64 -30.72 35.83
CA GLU B 43 0.42 -31.29 35.00
C GLU B 43 1.60 -31.48 35.96
N PHE B 44 2.40 -32.51 35.85
CA PHE B 44 3.54 -32.60 36.72
C PHE B 44 4.77 -33.05 35.94
N GLU B 45 5.90 -32.37 36.15
CA GLU B 45 7.08 -32.70 35.41
C GLU B 45 8.08 -33.19 36.41
N THR B 46 8.65 -34.36 36.22
CA THR B 46 9.71 -34.95 37.05
C THR B 46 11.10 -34.67 36.44
N GLU B 47 11.16 -34.78 35.11
CA GLU B 47 12.34 -34.76 34.26
C GLU B 47 13.06 -33.54 33.67
N HIS B 48 13.06 -32.25 34.07
CA HIS B 48 13.65 -31.00 33.50
C HIS B 48 12.38 -30.18 33.30
N GLY B 49 12.18 -29.06 33.98
CA GLY B 49 10.86 -28.48 33.89
C GLY B 49 10.90 -27.30 32.98
N PHE B 50 11.63 -27.33 31.89
CA PHE B 50 11.91 -26.17 31.03
C PHE B 50 11.91 -26.66 29.61
N VAL B 51 11.43 -25.75 28.76
CA VAL B 51 11.32 -26.07 27.34
C VAL B 51 12.74 -26.33 26.83
N TYR B 52 12.95 -26.97 25.70
CA TYR B 52 14.26 -27.19 25.12
C TYR B 52 13.95 -27.62 23.68
N ARG B 53 14.84 -28.03 22.82
CA ARG B 53 14.47 -28.44 21.49
C ARG B 53 15.60 -29.37 21.32
N GLU B 54 15.34 -30.64 21.06
CA GLU B 54 16.33 -31.69 21.00
C GLU B 54 15.92 -32.32 19.71
N ASN B 55 14.65 -32.68 19.64
CA ASN B 55 14.14 -33.35 18.50
C ASN B 55 14.15 -32.67 17.22
N ASN B 56 14.09 -31.38 17.18
CA ASN B 56 13.96 -30.69 15.89
C ASN B 56 14.02 -29.22 16.28
N LYS B 57 14.61 -28.38 15.47
CA LYS B 57 14.74 -27.00 15.79
C LYS B 57 13.90 -26.20 14.83
N SER B 58 12.69 -26.58 14.39
CA SER B 58 11.99 -25.78 13.37
C SER B 58 11.25 -24.63 14.04
N PRO B 59 10.91 -23.62 13.22
CA PRO B 59 10.09 -22.51 13.68
C PRO B 59 8.89 -22.97 14.51
N GLY B 60 9.01 -22.72 15.84
CA GLY B 60 7.89 -22.93 16.74
C GLY B 60 7.68 -24.35 17.15
N TYR B 61 8.81 -25.05 17.07
CA TYR B 61 8.94 -26.39 17.56
C TYR B 61 9.82 -26.38 18.81
N TYR B 62 9.28 -26.82 19.91
CA TYR B 62 10.03 -26.91 21.14
C TYR B 62 9.59 -28.18 21.85
N ASP B 63 10.61 -28.81 22.42
CA ASP B 63 10.42 -29.92 23.29
C ASP B 63 10.18 -29.36 24.67
N GLY B 64 9.34 -30.04 25.43
CA GLY B 64 9.16 -29.68 26.85
C GLY B 64 7.98 -28.80 27.16
N ARG B 65 7.04 -28.65 26.20
CA ARG B 65 5.88 -27.81 26.52
C ARG B 65 4.85 -28.63 27.26
N TYR B 66 4.69 -29.90 26.80
CA TYR B 66 3.84 -30.97 27.36
C TYR B 66 4.31 -31.60 28.68
N TRP B 67 3.53 -31.52 29.75
CA TRP B 67 3.88 -32.35 30.88
C TRP B 67 2.90 -33.54 30.88
N THR B 68 3.13 -34.46 31.82
CA THR B 68 2.24 -35.60 32.07
C THR B 68 0.97 -35.09 32.78
N MET B 69 -0.25 -35.51 32.45
CA MET B 69 -1.42 -35.06 33.22
C MET B 69 -1.51 -35.91 34.48
N TRP B 70 -1.86 -35.20 35.51
CA TRP B 70 -2.15 -35.73 36.82
C TRP B 70 -3.69 -35.77 36.77
N LYS B 71 -3.96 -37.06 36.62
CA LYS B 71 -5.27 -37.62 36.52
C LYS B 71 -6.02 -36.95 35.39
N LEU B 72 -7.14 -36.27 35.57
CA LEU B 72 -7.90 -35.82 34.41
C LEU B 72 -8.32 -34.38 34.63
N PRO B 73 -9.15 -33.78 33.81
CA PRO B 73 -9.71 -32.49 34.14
C PRO B 73 -10.86 -32.67 35.13
N MET B 74 -11.00 -31.78 36.11
CA MET B 74 -12.03 -31.83 37.13
C MET B 74 -13.24 -31.10 36.60
N PHE B 75 -13.76 -31.86 35.63
CA PHE B 75 -14.97 -31.54 34.90
C PHE B 75 -16.07 -31.36 35.93
N GLY B 76 -16.84 -30.28 35.85
CA GLY B 76 -17.92 -30.04 36.80
C GLY B 76 -17.49 -29.96 38.28
N CYS B 77 -16.25 -29.54 38.58
CA CYS B 77 -15.85 -29.35 39.96
C CYS B 77 -16.43 -27.98 40.30
N THR B 78 -16.98 -27.87 41.50
CA THR B 78 -17.53 -26.58 41.91
C THR B 78 -16.79 -26.05 43.12
N ASP B 79 -16.01 -26.92 43.77
CA ASP B 79 -15.30 -26.56 44.97
C ASP B 79 -13.79 -26.72 44.77
N ALA B 80 -13.17 -25.53 44.72
CA ALA B 80 -11.73 -25.38 44.52
C ALA B 80 -10.82 -26.06 45.53
N THR B 81 -11.43 -26.27 46.70
CA THR B 81 -10.79 -26.98 47.78
C THR B 81 -10.73 -28.45 47.42
N GLN B 82 -11.65 -29.02 46.60
CA GLN B 82 -11.51 -30.41 46.14
C GLN B 82 -10.13 -30.55 45.46
N VAL B 83 -9.89 -29.53 44.60
CA VAL B 83 -8.71 -29.42 43.73
C VAL B 83 -7.36 -29.38 44.48
N LEU B 84 -7.25 -28.49 45.49
CA LEU B 84 -6.01 -28.36 46.25
C LEU B 84 -5.59 -29.68 46.88
N ALA B 85 -6.55 -30.60 47.11
CA ALA B 85 -6.27 -31.95 47.63
C ALA B 85 -5.39 -32.78 46.70
N GLU B 86 -5.62 -32.49 45.40
CA GLU B 86 -4.85 -33.12 44.34
C GLU B 86 -3.45 -32.57 44.24
N VAL B 87 -3.23 -31.23 44.20
CA VAL B 87 -1.87 -30.65 44.22
C VAL B 87 -1.11 -31.34 45.34
N GLU B 88 -1.75 -31.44 46.51
CA GLU B 88 -1.21 -32.04 47.72
C GLU B 88 -1.05 -33.54 47.71
N GLU B 89 -1.83 -34.32 46.97
CA GLU B 89 -1.59 -35.73 46.87
C GLU B 89 -0.39 -35.99 45.91
N ALA B 90 -0.38 -35.27 44.79
CA ALA B 90 0.62 -35.41 43.74
C ALA B 90 2.05 -35.24 44.22
N LYS B 91 2.11 -34.21 45.05
CA LYS B 91 3.25 -33.71 45.78
C LYS B 91 3.74 -34.77 46.75
N LYS B 92 2.89 -35.70 47.19
CA LYS B 92 3.37 -36.77 48.07
C LYS B 92 4.17 -37.79 47.22
N ALA B 93 3.48 -38.06 46.12
CA ALA B 93 4.02 -39.00 45.16
C ALA B 93 5.28 -38.45 44.50
N TYR B 94 5.23 -37.20 44.13
CA TYR B 94 6.29 -36.59 43.39
C TYR B 94 6.61 -35.39 44.26
N PRO B 95 7.49 -35.54 45.28
CA PRO B 95 8.28 -34.45 45.84
C PRO B 95 9.29 -33.92 44.82
N GLN B 96 9.46 -34.77 43.82
CA GLN B 96 10.27 -34.46 42.65
C GLN B 96 9.68 -33.31 41.78
N ALA B 97 8.55 -33.64 41.18
CA ALA B 97 7.85 -32.81 40.28
C ALA B 97 7.66 -31.33 40.54
N TRP B 98 7.49 -30.61 39.42
CA TRP B 98 6.97 -29.23 39.40
C TRP B 98 5.50 -29.50 39.04
N ILE B 99 4.51 -29.00 39.78
CA ILE B 99 3.12 -29.24 39.45
C ILE B 99 2.60 -27.92 38.90
N ARG B 100 1.67 -27.95 37.97
CA ARG B 100 1.07 -26.74 37.53
C ARG B 100 -0.40 -27.07 37.29
N ILE B 101 -1.14 -26.01 37.53
CA ILE B 101 -2.57 -26.06 37.41
C ILE B 101 -2.81 -25.32 36.14
N ILE B 102 -3.51 -26.07 35.31
CA ILE B 102 -3.94 -25.61 33.99
C ILE B 102 -5.45 -25.74 34.04
N GLY B 103 -6.06 -25.15 33.04
CA GLY B 103 -7.49 -25.11 32.91
C GLY B 103 -7.87 -25.15 31.45
N PHE B 104 -9.03 -25.75 31.22
CA PHE B 104 -9.59 -25.93 29.91
C PHE B 104 -10.88 -25.16 29.82
N ASP B 105 -10.95 -24.50 28.70
CA ASP B 105 -12.09 -23.71 28.36
C ASP B 105 -12.69 -24.49 27.21
N ASN B 106 -13.70 -25.30 27.42
CA ASN B 106 -14.26 -26.02 26.28
C ASN B 106 -15.10 -25.11 25.38
N VAL B 107 -15.55 -23.91 25.79
CA VAL B 107 -16.31 -23.01 24.93
C VAL B 107 -15.47 -22.55 23.73
N ARG B 108 -14.20 -22.26 23.99
CA ARG B 108 -13.23 -21.83 22.99
C ARG B 108 -12.32 -22.96 22.50
N GLN B 109 -12.53 -24.18 23.02
CA GLN B 109 -11.77 -25.40 22.71
C GLN B 109 -10.30 -25.27 23.10
N VAL B 110 -9.92 -24.41 24.06
CA VAL B 110 -8.51 -24.10 24.34
C VAL B 110 -8.15 -24.13 25.82
N GLN B 111 -6.87 -24.37 26.13
CA GLN B 111 -6.33 -24.32 27.49
C GLN B 111 -6.17 -22.87 27.81
N CYS B 112 -6.62 -22.43 28.96
CA CYS B 112 -6.50 -21.03 29.26
C CYS B 112 -5.61 -20.71 30.45
N ILE B 113 -5.26 -21.71 31.26
CA ILE B 113 -4.55 -21.44 32.50
C ILE B 113 -3.29 -22.28 32.47
N SER B 114 -2.31 -21.79 33.20
CA SER B 114 -1.13 -22.51 33.50
C SER B 114 -0.46 -21.65 34.54
N PHE B 115 -0.47 -22.01 35.85
CA PHE B 115 0.33 -21.34 36.85
C PHE B 115 1.07 -22.41 37.62
N ILE B 116 2.30 -22.14 38.03
CA ILE B 116 3.07 -23.16 38.77
C ILE B 116 2.49 -23.27 40.18
N ALA B 117 2.00 -24.48 40.50
CA ALA B 117 1.47 -24.76 41.83
C ALA B 117 2.54 -25.22 42.82
N TYR B 118 3.61 -25.95 42.47
CA TYR B 118 4.63 -26.40 43.41
C TYR B 118 5.95 -26.46 42.70
N LYS B 119 6.91 -25.63 43.13
CA LYS B 119 8.29 -25.62 42.61
C LYS B 119 9.02 -26.66 43.47
N PRO B 120 9.68 -27.73 42.99
CA PRO B 120 10.49 -28.66 43.77
C PRO B 120 11.67 -28.01 44.47
N GLU B 121 12.09 -28.61 45.56
CA GLU B 121 13.08 -27.97 46.40
C GLU B 121 14.26 -27.28 45.74
N GLY B 122 14.18 -25.97 45.98
CA GLY B 122 15.17 -25.04 45.53
C GLY B 122 14.87 -24.70 44.10
N TYR B 123 13.66 -24.22 43.80
CA TYR B 123 13.25 -23.71 42.50
C TYR B 123 12.28 -22.52 42.65
N LEU C 1 13.63 20.92 21.84
CA LEU C 1 13.57 21.63 20.58
C LEU C 1 15.06 21.53 20.26
N THR C 2 15.34 20.30 19.86
CA THR C 2 16.68 19.84 19.55
C THR C 2 16.60 19.16 18.18
N TYR C 3 15.42 19.26 17.60
CA TYR C 3 15.08 18.73 16.31
C TYR C 3 14.66 19.94 15.49
N TYR C 4 14.51 21.15 16.07
CA TYR C 4 14.16 22.31 15.27
C TYR C 4 15.55 22.87 15.06
N THR C 5 16.14 22.89 13.86
CA THR C 5 17.50 23.42 13.73
C THR C 5 17.60 24.51 12.67
N PRO C 6 17.44 25.76 13.06
CA PRO C 6 17.45 26.89 12.17
C PRO C 6 18.77 27.02 11.43
N GLU C 7 19.82 26.60 12.15
CA GLU C 7 21.19 26.67 11.65
C GLU C 7 21.67 25.49 10.80
N TYR C 8 20.81 24.51 10.51
CA TYR C 8 21.31 23.36 9.80
C TYR C 8 21.51 23.77 8.32
N GLN C 9 22.65 23.33 7.81
CA GLN C 9 22.99 23.44 6.42
C GLN C 9 22.71 22.03 5.90
N THR C 10 21.84 21.92 4.91
CA THR C 10 21.57 20.65 4.34
C THR C 10 22.75 20.03 3.63
N LYS C 11 22.72 18.70 3.66
CA LYS C 11 23.63 17.83 2.94
C LYS C 11 22.88 17.47 1.65
N ASP C 12 23.71 17.10 0.73
CA ASP C 12 23.25 16.66 -0.56
C ASP C 12 22.89 15.18 -0.51
N THR C 13 23.04 14.59 0.66
CA THR C 13 22.62 13.25 0.85
C THR C 13 21.73 13.42 2.05
N ASP C 14 20.59 13.95 1.71
CA ASP C 14 19.55 14.16 2.67
C ASP C 14 18.27 14.00 1.90
N ILE C 15 17.30 13.43 2.60
CA ILE C 15 15.98 13.39 2.07
C ILE C 15 15.45 14.58 2.86
N LEU C 16 14.83 15.51 2.15
CA LEU C 16 14.25 16.70 2.73
C LEU C 16 12.78 16.49 2.56
N ALA C 17 11.91 16.69 3.51
CA ALA C 17 10.49 16.63 3.17
C ALA C 17 9.96 18.05 3.40
N ALA C 18 8.82 18.44 2.85
CA ALA C 18 8.23 19.74 3.08
C ALA C 18 6.85 19.35 3.54
N PHE C 19 6.64 19.36 4.87
CA PHE C 19 5.40 19.03 5.56
C PHE C 19 4.57 20.29 5.82
N ARG C 20 3.34 20.37 5.35
CA ARG C 20 2.44 21.43 5.75
C ARG C 20 1.87 21.01 7.10
N VAL C 21 2.39 21.46 8.25
CA VAL C 21 1.84 21.04 9.55
C VAL C 21 0.75 22.01 9.98
N THR C 22 -0.38 21.53 10.51
CA THR C 22 -1.41 22.42 11.06
C THR C 22 -1.36 22.00 12.54
N PRO C 23 -0.55 22.61 13.42
CA PRO C 23 -0.49 22.29 14.85
C PRO C 23 -1.79 22.32 15.66
N GLN C 24 -1.79 21.76 16.87
CA GLN C 24 -2.94 21.81 17.74
C GLN C 24 -2.89 23.21 18.35
N PRO C 25 -3.92 24.03 18.63
CA PRO C 25 -3.79 25.40 19.15
C PRO C 25 -2.97 25.38 20.42
N GLY C 26 -1.98 26.24 20.30
CA GLY C 26 -1.07 26.33 21.37
C GLY C 26 0.25 25.70 21.00
N VAL C 27 0.41 24.76 20.04
CA VAL C 27 1.75 24.28 19.72
C VAL C 27 2.46 25.45 19.03
N PRO C 28 3.63 25.94 19.51
CA PRO C 28 4.40 26.97 18.82
C PRO C 28 4.79 26.37 17.49
N PRO C 29 4.84 27.09 16.36
CA PRO C 29 5.16 26.52 15.04
C PRO C 29 6.51 25.77 15.09
N GLU C 30 7.47 26.37 15.80
CA GLU C 30 8.80 25.84 16.04
C GLU C 30 8.68 24.47 16.62
N GLU C 31 7.86 24.32 17.66
CA GLU C 31 7.66 23.09 18.40
C GLU C 31 6.89 22.09 17.56
N ALA C 32 6.04 22.62 16.68
CA ALA C 32 5.33 21.80 15.72
C ALA C 32 6.32 21.18 14.72
N GLY C 33 7.16 21.97 14.04
CA GLY C 33 8.15 21.47 13.09
C GLY C 33 9.18 20.55 13.75
N ALA C 34 9.68 20.91 14.94
CA ALA C 34 10.60 20.08 15.67
C ALA C 34 9.93 18.76 16.02
N ALA C 35 8.61 18.73 16.36
CA ALA C 35 7.84 17.51 16.62
C ALA C 35 7.84 16.59 15.41
N VAL C 36 7.63 17.12 14.21
CA VAL C 36 7.62 16.34 12.97
C VAL C 36 8.99 15.71 12.75
N ALA C 37 10.04 16.52 12.94
CA ALA C 37 11.39 15.99 12.86
C ALA C 37 11.72 14.93 13.91
N ALA C 38 11.35 15.19 15.17
CA ALA C 38 11.58 14.26 16.26
C ALA C 38 11.03 12.87 16.02
N GLU C 39 10.00 12.69 15.20
CA GLU C 39 9.65 11.33 14.78
C GLU C 39 10.69 10.82 13.73
N SER C 40 11.81 10.48 14.42
CA SER C 40 13.10 9.97 14.00
C SER C 40 13.74 9.28 15.22
N SER C 41 13.56 9.68 16.51
CA SER C 41 14.24 9.05 17.65
C SER C 41 13.65 9.31 19.06
N THR C 42 14.25 8.70 20.14
CA THR C 42 14.06 8.88 21.62
C THR C 42 15.21 8.13 22.46
N VAL C 48 15.56 8.31 23.79
CA VAL C 48 16.82 7.84 24.51
C VAL C 48 17.14 6.66 25.57
N TRP C 49 18.43 6.46 26.03
CA TRP C 49 19.12 5.55 27.02
C TRP C 49 20.30 4.90 26.28
N THR C 50 20.07 3.83 25.52
CA THR C 50 21.06 3.08 24.80
C THR C 50 21.75 4.02 23.89
N ASP C 51 21.02 5.06 23.54
CA ASP C 51 21.42 6.23 22.81
C ASP C 51 22.82 6.73 23.04
N GLY C 52 23.39 6.42 24.19
CA GLY C 52 24.76 6.75 24.47
C GLY C 52 25.68 5.71 23.86
N LEU C 53 25.23 4.77 23.01
CA LEU C 53 26.04 3.73 22.34
C LEU C 53 26.04 3.94 20.81
N THR C 54 25.64 5.14 20.44
CA THR C 54 25.61 5.64 19.08
C THR C 54 25.65 7.14 19.33
N SER C 55 25.55 7.94 18.27
CA SER C 55 25.38 9.37 18.42
C SER C 55 24.09 9.59 17.66
N LEU C 56 23.01 9.81 18.42
CA LEU C 56 21.69 10.03 17.85
C LEU C 56 21.66 11.27 16.97
N ASP C 57 22.64 12.14 17.24
CA ASP C 57 22.92 13.31 16.43
C ASP C 57 23.12 12.98 14.91
N ARG C 58 23.48 11.74 14.54
CA ARG C 58 23.58 11.32 13.15
C ARG C 58 22.29 10.72 12.61
N TYR C 59 21.31 10.30 13.41
CA TYR C 59 20.11 9.62 12.90
C TYR C 59 18.77 10.32 13.21
N LYS C 60 18.79 11.67 13.21
CA LYS C 60 17.62 12.49 13.56
C LYS C 60 17.24 13.38 12.37
N GLY C 61 15.93 13.63 12.31
CA GLY C 61 15.31 14.56 11.38
C GLY C 61 15.52 15.97 11.94
N ARG C 62 15.99 16.92 11.14
CA ARG C 62 16.23 18.30 11.57
C ARG C 62 15.14 19.16 10.97
N CYS C 63 14.22 19.79 11.69
CA CYS C 63 13.26 20.73 11.12
C CYS C 63 14.01 22.02 10.93
N TYR C 64 14.82 22.10 9.89
CA TYR C 64 15.65 23.25 9.76
C TYR C 64 14.87 24.52 9.42
N ARG C 65 13.78 24.53 8.67
CA ARG C 65 13.07 25.76 8.43
C ARG C 65 11.58 25.56 8.59
N ILE C 66 10.89 26.59 9.07
CA ILE C 66 9.43 26.62 9.19
C ILE C 66 8.92 27.86 8.40
N GLU C 67 7.99 27.70 7.46
CA GLU C 67 7.47 28.84 6.77
C GLU C 67 6.03 28.89 7.15
N ARG C 68 5.40 30.05 7.00
CA ARG C 68 4.00 30.30 7.32
C ARG C 68 3.18 30.25 6.03
N VAL C 69 2.17 29.41 6.05
CA VAL C 69 1.35 29.27 4.89
C VAL C 69 0.36 30.38 5.13
N VAL C 70 0.72 31.52 4.57
CA VAL C 70 -0.14 32.68 4.71
C VAL C 70 -1.51 32.49 4.02
N GLY C 71 -2.59 32.72 4.76
CA GLY C 71 -3.90 32.81 4.17
C GLY C 71 -4.55 31.51 3.75
N GLU C 72 -3.86 30.37 3.64
CA GLU C 72 -4.59 29.13 3.34
C GLU C 72 -5.20 28.59 4.62
N LYS C 73 -4.77 29.20 5.73
CA LYS C 73 -5.27 29.13 7.12
C LYS C 73 -4.03 29.51 7.91
N ASP C 74 -3.87 29.09 9.17
CA ASP C 74 -2.56 29.22 9.76
C ASP C 74 -2.08 27.78 10.07
N GLN C 75 -1.27 27.45 9.04
CA GLN C 75 -0.60 26.20 8.74
C GLN C 75 0.82 26.60 8.49
N TYR C 76 1.77 25.68 8.50
CA TYR C 76 3.17 25.99 8.30
C TYR C 76 3.87 24.93 7.45
N ILE C 77 4.82 25.32 6.58
CA ILE C 77 5.59 24.36 5.81
C ILE C 77 6.93 24.20 6.54
N ALA C 78 6.97 23.13 7.34
CA ALA C 78 8.13 22.74 8.11
C ALA C 78 8.92 21.87 7.19
N TYR C 79 10.22 22.10 7.17
CA TYR C 79 11.18 21.44 6.31
C TYR C 79 12.07 20.57 7.19
N VAL C 80 11.89 19.25 7.08
CA VAL C 80 12.62 18.27 7.85
C VAL C 80 13.79 17.77 7.00
N ALA C 81 14.92 17.38 7.59
CA ALA C 81 16.01 16.82 6.82
C ALA C 81 16.54 15.57 7.48
N TYR C 82 16.34 14.56 6.68
CA TYR C 82 16.53 13.17 7.00
C TYR C 82 17.87 12.70 6.44
N PRO C 83 18.74 12.08 7.25
CA PRO C 83 20.00 11.54 6.78
C PRO C 83 19.92 10.34 5.85
N LEU C 84 20.85 10.18 4.89
CA LEU C 84 20.81 9.06 3.91
C LEU C 84 20.84 7.69 4.55
N ASP C 85 21.68 7.52 5.58
CA ASP C 85 21.78 6.33 6.43
C ASP C 85 20.56 5.72 7.07
N LEU C 86 19.44 6.41 6.96
CA LEU C 86 18.22 6.02 7.59
C LEU C 86 17.55 5.12 6.63
N PHE C 87 17.88 5.14 5.33
CA PHE C 87 17.03 4.46 4.35
C PHE C 87 17.77 3.28 3.76
N GLU C 88 16.93 2.32 3.46
CA GLU C 88 17.42 1.15 2.79
C GLU C 88 17.50 1.46 1.30
N GLU C 89 18.70 1.23 0.77
CA GLU C 89 18.97 1.60 -0.63
C GLU C 89 17.98 0.91 -1.52
N GLY C 90 17.27 1.69 -2.31
CA GLY C 90 16.37 1.16 -3.33
C GLY C 90 15.03 0.64 -2.82
N SER C 91 14.60 1.20 -1.69
CA SER C 91 13.33 0.79 -1.12
C SER C 91 12.34 1.95 -0.78
N VAL C 92 11.39 2.08 -1.73
CA VAL C 92 10.36 3.06 -1.53
C VAL C 92 9.53 2.62 -0.31
N THR C 93 9.28 1.31 -0.06
CA THR C 93 8.62 0.81 1.18
C THR C 93 9.35 1.31 2.39
N ASN C 94 10.67 1.39 2.34
CA ASN C 94 11.37 1.97 3.48
C ASN C 94 11.33 3.48 3.58
N MET C 95 11.51 4.21 2.53
CA MET C 95 11.42 5.66 2.55
C MET C 95 10.05 6.08 3.01
N PHE C 96 8.96 5.50 2.56
CA PHE C 96 7.66 5.78 3.09
C PHE C 96 7.62 5.27 4.49
N THR C 97 8.02 4.05 4.97
CA THR C 97 7.90 3.82 6.40
C THR C 97 8.64 4.85 7.27
N SER C 98 9.89 5.12 6.99
CA SER C 98 10.63 6.11 7.73
C SER C 98 10.04 7.51 7.66
N ILE C 99 9.28 8.00 6.66
CA ILE C 99 8.79 9.39 6.68
C ILE C 99 7.32 9.33 7.06
N VAL C 100 6.43 8.87 6.17
CA VAL C 100 4.98 8.84 6.47
C VAL C 100 4.45 7.76 7.47
N GLY C 101 5.41 7.01 8.03
CA GLY C 101 5.17 5.94 8.95
C GLY C 101 4.65 6.38 10.30
N ASN C 102 5.23 7.31 11.06
CA ASN C 102 4.67 7.62 12.42
C ASN C 102 4.16 9.03 12.77
N VAL C 103 4.59 10.03 11.98
CA VAL C 103 4.31 11.44 12.24
C VAL C 103 2.87 11.89 12.13
N PHE C 104 2.13 11.57 11.08
CA PHE C 104 0.76 12.03 10.86
C PHE C 104 -0.25 11.68 11.96
N GLY C 105 0.08 11.16 13.12
CA GLY C 105 -0.89 10.76 14.13
C GLY C 105 -0.48 11.25 15.51
N PHE C 106 0.33 12.31 15.49
CA PHE C 106 0.84 12.89 16.70
C PHE C 106 -0.26 13.81 17.27
N LYS C 107 -0.67 13.59 18.53
CA LYS C 107 -1.65 14.42 19.25
C LYS C 107 -1.52 15.96 19.06
N ALA C 108 -0.29 16.44 19.15
CA ALA C 108 0.07 17.83 18.95
C ALA C 108 0.04 18.22 17.49
N LEU C 109 -0.68 17.51 16.63
CA LEU C 109 -0.84 17.89 15.25
C LEU C 109 -2.32 17.71 14.92
N ARG C 110 -2.97 18.72 14.37
CA ARG C 110 -4.34 18.56 13.96
C ARG C 110 -4.33 17.73 12.69
N ALA C 111 -3.61 18.15 11.68
CA ALA C 111 -3.52 17.46 10.39
C ALA C 111 -2.26 17.97 9.78
N LEU C 112 -1.50 17.02 9.36
CA LEU C 112 -0.21 17.24 8.72
C LEU C 112 -0.21 16.75 7.26
N ARG C 113 0.49 17.35 6.28
CA ARG C 113 0.40 16.82 4.94
C ARG C 113 1.77 16.82 4.32
N LEU C 114 2.19 15.73 3.65
CA LEU C 114 3.51 15.75 3.02
C LEU C 114 3.43 16.35 1.61
N GLU C 115 4.08 17.52 1.40
CA GLU C 115 3.91 18.13 0.07
C GLU C 115 4.95 17.71 -0.98
N ASP C 116 6.19 17.51 -0.55
CA ASP C 116 7.23 17.19 -1.48
C ASP C 116 8.40 16.49 -0.84
N LEU C 117 9.25 15.84 -1.65
CA LEU C 117 10.39 15.13 -1.11
C LEU C 117 11.61 15.45 -1.93
N ARG C 118 12.76 15.71 -1.35
CA ARG C 118 13.90 15.87 -2.20
C ARG C 118 14.69 14.65 -1.85
N ILE C 119 14.54 13.83 -2.87
CA ILE C 119 15.14 12.53 -2.95
C ILE C 119 16.56 12.78 -3.40
N PRO C 120 17.64 12.79 -2.63
CA PRO C 120 19.00 13.09 -3.12
C PRO C 120 19.46 12.18 -4.25
N PRO C 121 20.37 12.52 -5.20
CA PRO C 121 20.85 11.65 -6.28
C PRO C 121 21.52 10.42 -5.72
N ALA C 122 22.22 10.47 -4.56
CA ALA C 122 22.85 9.27 -4.02
C ALA C 122 21.83 8.27 -3.61
N TYR C 123 20.62 8.67 -3.40
CA TYR C 123 19.59 7.74 -3.06
C TYR C 123 18.90 7.35 -4.38
N VAL C 124 18.73 8.27 -5.34
CA VAL C 124 18.10 8.03 -6.61
C VAL C 124 18.74 6.85 -7.28
N LYS C 125 20.08 6.80 -7.12
CA LYS C 125 20.93 5.79 -7.73
C LYS C 125 20.75 4.43 -7.16
N THR C 126 20.04 4.28 -6.08
CA THR C 126 19.87 2.95 -5.59
C THR C 126 18.63 2.26 -6.21
N PHE C 127 17.93 2.94 -7.12
CA PHE C 127 16.67 2.51 -7.71
C PHE C 127 16.83 2.15 -9.21
N GLN C 128 16.18 1.07 -9.71
CA GLN C 128 16.09 0.72 -11.11
C GLN C 128 15.26 1.79 -11.85
N GLY C 129 14.11 2.17 -11.35
CA GLY C 129 13.32 3.22 -11.98
C GLY C 129 12.31 2.60 -12.87
N PRO C 130 11.85 3.31 -13.92
CA PRO C 130 10.99 2.73 -14.97
C PRO C 130 11.70 1.52 -15.61
N PRO C 131 11.09 0.36 -15.79
CA PRO C 131 11.68 -0.68 -16.55
C PRO C 131 12.09 -0.14 -17.94
N HIS C 132 11.45 0.93 -18.49
CA HIS C 132 11.82 1.52 -19.81
C HIS C 132 11.84 3.08 -19.80
N GLY C 133 10.64 3.72 -19.59
CA GLY C 133 10.49 5.17 -19.54
C GLY C 133 10.22 5.69 -20.96
N ILE C 134 9.83 6.95 -21.03
CA ILE C 134 9.43 7.54 -22.29
C ILE C 134 10.20 7.23 -23.55
N GLN C 135 11.48 7.53 -23.59
CA GLN C 135 12.27 7.30 -24.77
C GLN C 135 12.28 5.87 -25.32
N VAL C 136 12.81 4.87 -24.57
CA VAL C 136 12.90 3.49 -25.04
C VAL C 136 11.50 3.11 -25.43
N GLU C 137 10.52 3.49 -24.63
CA GLU C 137 9.17 3.20 -24.96
C GLU C 137 8.78 3.63 -26.36
N ARG C 138 9.17 4.84 -26.82
CA ARG C 138 8.83 5.28 -28.16
C ARG C 138 9.69 4.56 -29.17
N ASP C 139 10.92 4.27 -28.83
CA ASP C 139 11.77 3.56 -29.73
C ASP C 139 11.18 2.19 -29.99
N LYS C 140 10.64 1.55 -28.96
CA LYS C 140 10.18 0.16 -28.97
C LYS C 140 8.94 -0.11 -29.81
N LEU C 141 8.12 0.92 -29.57
CA LEU C 141 6.80 1.11 -30.10
C LEU C 141 6.81 1.86 -31.41
N ASN C 142 7.92 2.49 -31.73
CA ASN C 142 8.13 3.23 -32.95
C ASN C 142 7.09 4.29 -33.20
N LYS C 143 6.72 5.04 -32.16
CA LYS C 143 5.67 6.04 -32.29
C LYS C 143 6.37 7.29 -31.94
N TYR C 144 6.26 8.32 -32.81
CA TYR C 144 6.87 9.61 -32.58
C TYR C 144 5.91 10.72 -32.94
N GLY C 145 6.06 11.94 -32.42
CA GLY C 145 5.24 13.04 -32.86
C GLY C 145 3.88 13.26 -32.22
N ARG C 146 3.21 12.39 -31.48
CA ARG C 146 1.95 12.80 -30.83
C ARG C 146 1.92 12.13 -29.49
N PRO C 147 0.99 12.57 -28.65
CA PRO C 147 0.54 11.75 -27.58
C PRO C 147 -0.14 10.50 -28.13
N LEU C 148 0.05 9.44 -27.37
CA LEU C 148 -0.45 8.16 -27.78
C LEU C 148 -1.90 8.05 -27.31
N LEU C 149 -2.64 7.10 -27.83
CA LEU C 149 -4.04 7.08 -27.56
C LEU C 149 -4.40 5.79 -26.92
N GLY C 150 -5.35 5.88 -26.02
CA GLY C 150 -5.73 4.69 -25.35
C GLY C 150 -7.21 4.64 -25.29
N CYS C 151 -7.72 3.42 -25.18
CA CYS C 151 -9.14 3.15 -25.04
C CYS C 151 -9.31 2.31 -23.77
N THR C 152 -10.26 2.68 -22.94
CA THR C 152 -10.52 1.95 -21.74
C THR C 152 -11.78 1.15 -22.05
N ILE C 153 -11.76 -0.18 -21.97
CA ILE C 153 -12.91 -1.01 -22.23
C ILE C 153 -13.97 -0.78 -21.16
N LYS C 154 -15.22 -0.75 -21.50
CA LYS C 154 -16.27 -0.48 -20.53
C LYS C 154 -17.39 -1.43 -20.92
N PRO C 155 -18.15 -2.05 -20.00
CA PRO C 155 -18.01 -1.91 -18.55
C PRO C 155 -16.77 -2.66 -18.06
N LYS C 156 -16.23 -2.20 -16.92
CA LYS C 156 -15.06 -2.83 -16.31
C LYS C 156 -15.41 -4.27 -15.89
N LEU C 157 -16.18 -4.40 -14.81
CA LEU C 157 -16.66 -5.70 -14.37
C LEU C 157 -17.95 -5.83 -15.19
N GLY C 158 -18.16 -6.95 -15.89
CA GLY C 158 -19.44 -7.09 -16.55
C GLY C 158 -19.48 -8.11 -17.65
N LEU C 159 -18.53 -8.04 -18.59
CA LEU C 159 -18.60 -8.89 -19.78
C LEU C 159 -17.64 -10.07 -19.62
N SER C 160 -17.81 -10.93 -20.64
CA SER C 160 -16.96 -12.08 -20.68
C SER C 160 -15.71 -11.55 -21.33
N ALA C 161 -14.79 -12.51 -21.27
CA ALA C 161 -13.46 -12.46 -21.82
C ALA C 161 -13.44 -12.32 -23.32
N LYS C 162 -14.34 -13.04 -24.06
CA LYS C 162 -14.35 -12.89 -25.55
C LYS C 162 -14.94 -11.54 -25.87
N ASN C 163 -15.84 -11.07 -24.99
CA ASN C 163 -16.37 -9.74 -25.21
C ASN C 163 -15.38 -8.63 -24.94
N TYR C 164 -14.69 -8.63 -23.81
CA TYR C 164 -13.63 -7.68 -23.46
C TYR C 164 -12.66 -7.59 -24.65
N GLY C 165 -12.37 -8.79 -25.16
CA GLY C 165 -11.41 -9.04 -26.20
C GLY C 165 -11.88 -8.50 -27.49
N ARG C 166 -13.13 -8.61 -27.87
CA ARG C 166 -13.57 -7.94 -29.08
C ARG C 166 -13.55 -6.41 -28.97
N ALA C 167 -13.96 -5.83 -27.86
CA ALA C 167 -14.03 -4.39 -27.62
C ALA C 167 -12.69 -3.83 -27.92
N VAL C 168 -11.75 -4.57 -27.34
CA VAL C 168 -10.33 -4.30 -27.47
C VAL C 168 -9.86 -4.11 -28.90
N TYR C 169 -10.19 -5.08 -29.73
CA TYR C 169 -9.84 -5.07 -31.16
C TYR C 169 -10.53 -3.96 -31.99
N GLU C 170 -11.86 -3.87 -31.95
CA GLU C 170 -12.57 -2.78 -32.63
C GLU C 170 -11.91 -1.43 -32.36
N CYS C 171 -11.62 -1.22 -31.11
CA CYS C 171 -10.98 -0.06 -30.61
C CYS C 171 -9.59 0.08 -31.15
N LEU C 172 -8.83 -0.99 -31.18
CA LEU C 172 -7.43 -0.79 -31.51
C LEU C 172 -7.32 -0.71 -33.01
N ARG C 173 -8.18 -1.40 -33.79
CA ARG C 173 -8.08 -1.27 -35.26
C ARG C 173 -8.47 0.15 -35.64
N GLY C 174 -9.32 0.85 -34.91
CA GLY C 174 -9.69 2.19 -35.26
C GLY C 174 -8.56 3.16 -35.01
N GLY C 175 -7.33 2.73 -34.75
CA GLY C 175 -6.21 3.67 -34.64
C GLY C 175 -5.87 4.15 -33.23
N LEU C 176 -6.51 3.64 -32.17
CA LEU C 176 -5.97 4.03 -30.89
C LEU C 176 -4.69 3.15 -30.76
N ASP C 177 -3.77 3.36 -29.82
CA ASP C 177 -2.57 2.57 -29.77
C ASP C 177 -2.63 1.49 -28.70
N PHE C 178 -3.42 1.76 -27.63
CA PHE C 178 -3.44 1.04 -26.36
C PHE C 178 -4.83 0.87 -25.79
N THR C 179 -5.18 -0.25 -25.15
CA THR C 179 -6.47 -0.43 -24.50
C THR C 179 -6.23 -0.85 -23.04
N LYS C 180 -7.10 -0.65 -22.07
CA LYS C 180 -6.75 -0.87 -20.72
C LYS C 180 -7.71 -1.82 -20.07
N ASP C 181 -7.16 -2.72 -19.27
CA ASP C 181 -7.97 -3.49 -18.35
C ASP C 181 -8.22 -2.48 -17.25
N ASP C 182 -9.45 -2.37 -16.81
CA ASP C 182 -9.72 -1.44 -15.74
C ASP C 182 -8.94 -1.95 -14.53
N GLU C 183 -8.73 -1.04 -13.57
CA GLU C 183 -8.04 -1.35 -12.36
C GLU C 183 -8.69 -2.43 -11.50
N ASN C 184 -9.99 -2.66 -11.66
CA ASN C 184 -10.74 -3.62 -10.87
C ASN C 184 -10.71 -4.93 -11.52
N VAL C 185 -10.33 -5.03 -12.78
CA VAL C 185 -10.30 -6.29 -13.51
C VAL C 185 -8.97 -6.97 -13.12
N ASN C 186 -9.05 -8.10 -12.42
CA ASN C 186 -7.89 -8.97 -12.11
C ASN C 186 -8.36 -10.36 -12.58
N SER C 187 -8.64 -11.36 -11.80
CA SER C 187 -9.29 -12.54 -12.27
C SER C 187 -10.57 -12.53 -11.41
N GLN C 188 -11.77 -12.75 -11.92
CA GLN C 188 -13.00 -12.59 -11.16
C GLN C 188 -13.94 -13.61 -11.70
N PRO C 189 -15.02 -14.05 -11.02
CA PRO C 189 -15.85 -15.09 -11.56
C PRO C 189 -16.23 -14.89 -13.04
N PHE C 190 -16.76 -13.75 -13.51
CA PHE C 190 -17.13 -13.60 -14.91
C PHE C 190 -15.96 -13.66 -15.93
N MET C 191 -14.77 -13.21 -15.52
CA MET C 191 -13.60 -13.08 -16.39
C MET C 191 -12.36 -13.14 -15.52
N ARG C 192 -11.90 -14.38 -15.71
CA ARG C 192 -10.72 -14.97 -15.14
C ARG C 192 -9.49 -14.49 -15.89
N TRP C 193 -8.30 -14.29 -15.31
CA TRP C 193 -7.23 -13.60 -16.01
C TRP C 193 -6.66 -14.13 -17.31
N ARG C 194 -6.29 -15.42 -17.26
CA ARG C 194 -5.54 -16.05 -18.31
C ARG C 194 -6.42 -16.01 -19.57
N ASP C 195 -7.78 -15.98 -19.55
CA ASP C 195 -8.51 -15.97 -20.78
C ASP C 195 -8.61 -14.54 -21.27
N ARG C 196 -8.72 -13.57 -20.39
CA ARG C 196 -8.67 -12.19 -20.79
C ARG C 196 -7.34 -12.02 -21.47
N PHE C 197 -6.25 -12.54 -20.92
CA PHE C 197 -4.94 -12.40 -21.55
C PHE C 197 -4.88 -13.03 -22.92
N LEU C 198 -5.54 -14.15 -23.14
CA LEU C 198 -5.39 -14.87 -24.41
C LEU C 198 -6.20 -14.19 -25.54
N PHE C 199 -7.37 -13.67 -25.16
CA PHE C 199 -8.25 -12.99 -26.09
C PHE C 199 -7.83 -11.55 -26.31
N CYS C 200 -7.43 -10.80 -25.31
CA CYS C 200 -6.83 -9.51 -25.57
C CYS C 200 -5.53 -9.65 -26.41
N ALA C 201 -4.76 -10.80 -26.33
CA ALA C 201 -3.53 -10.99 -27.09
C ALA C 201 -3.95 -11.10 -28.54
N GLU C 202 -4.90 -12.07 -28.78
CA GLU C 202 -5.49 -12.32 -30.10
C GLU C 202 -5.97 -10.96 -30.65
N ALA C 203 -7.06 -10.36 -30.16
CA ALA C 203 -7.49 -9.04 -30.49
C ALA C 203 -6.33 -8.11 -30.84
N LEU C 204 -5.25 -7.90 -30.04
CA LEU C 204 -4.21 -6.90 -30.47
C LEU C 204 -3.30 -7.22 -31.65
N TYR C 205 -3.03 -8.50 -31.89
CA TYR C 205 -2.21 -8.89 -33.03
C TYR C 205 -3.01 -8.74 -34.30
N LYS C 206 -4.33 -8.90 -34.19
CA LYS C 206 -5.22 -8.76 -35.31
C LYS C 206 -5.24 -7.30 -35.67
N ALA C 207 -5.66 -6.46 -34.73
CA ALA C 207 -5.73 -4.99 -34.89
C ALA C 207 -4.46 -4.40 -35.49
N GLU C 208 -3.29 -4.92 -35.07
CA GLU C 208 -1.95 -4.51 -35.53
C GLU C 208 -1.59 -5.02 -36.93
N ALA C 209 -2.12 -6.19 -37.28
CA ALA C 209 -1.94 -6.70 -38.62
C ALA C 209 -2.96 -6.02 -39.51
N GLU C 210 -3.96 -5.37 -38.93
CA GLU C 210 -4.89 -4.62 -39.70
C GLU C 210 -4.38 -3.23 -40.02
N THR C 211 -3.89 -2.53 -39.02
CA THR C 211 -3.32 -1.22 -39.18
C THR C 211 -1.90 -1.26 -39.70
N GLY C 212 -0.97 -1.96 -39.08
CA GLY C 212 0.41 -1.88 -39.46
C GLY C 212 1.16 -1.07 -38.43
N GLU C 213 0.41 -0.74 -37.38
CA GLU C 213 0.99 0.02 -36.29
C GLU C 213 1.09 -0.87 -34.99
N ILE C 214 2.14 -0.83 -34.14
CA ILE C 214 2.21 -1.67 -32.96
C ILE C 214 1.05 -1.27 -32.06
N LYS C 215 0.31 -2.26 -31.60
CA LYS C 215 -0.85 -2.06 -30.74
C LYS C 215 -0.50 -2.80 -29.45
N GLY C 216 -1.12 -2.46 -28.34
CA GLY C 216 -0.92 -3.25 -27.13
C GLY C 216 -1.97 -2.98 -26.07
N HIS C 217 -2.15 -3.98 -25.23
CA HIS C 217 -3.15 -3.98 -24.16
C HIS C 217 -2.51 -4.00 -22.81
N TYR C 218 -2.94 -3.10 -21.94
CA TYR C 218 -2.39 -3.03 -20.59
C TYR C 218 -3.07 -4.12 -19.82
N LEU C 219 -2.37 -5.25 -19.80
CA LEU C 219 -2.96 -6.35 -19.08
C LEU C 219 -2.80 -6.19 -17.59
N ASN C 220 -3.85 -6.12 -16.78
CA ASN C 220 -3.71 -5.96 -15.33
C ASN C 220 -3.10 -7.16 -14.57
N ALA C 221 -1.78 -7.17 -14.36
CA ALA C 221 -1.11 -8.23 -13.60
C ALA C 221 -1.37 -8.19 -12.03
N THR C 222 -2.19 -7.29 -11.49
CA THR C 222 -2.39 -7.12 -10.10
C THR C 222 -3.12 -8.32 -9.57
N ALA C 223 -2.66 -8.79 -8.40
CA ALA C 223 -3.22 -9.92 -7.72
C ALA C 223 -2.92 -9.73 -6.26
N GLY C 224 -3.48 -10.74 -5.57
CA GLY C 224 -3.44 -10.79 -4.15
C GLY C 224 -2.17 -11.35 -3.58
N THR C 225 -1.29 -12.10 -4.24
CA THR C 225 -0.02 -12.54 -3.67
C THR C 225 1.06 -12.09 -4.66
N CYS C 226 2.29 -11.88 -4.21
CA CYS C 226 3.44 -11.60 -5.09
C CYS C 226 3.52 -12.66 -6.18
N GLU C 227 3.42 -13.90 -5.78
CA GLU C 227 3.47 -15.00 -6.67
C GLU C 227 2.49 -14.96 -7.88
N GLU C 228 1.19 -14.64 -7.65
CA GLU C 228 0.21 -14.58 -8.70
C GLU C 228 0.41 -13.41 -9.59
N MET C 229 0.80 -12.25 -9.08
CA MET C 229 1.14 -11.12 -9.92
C MET C 229 2.23 -11.52 -10.92
N ILE C 230 3.36 -12.15 -10.46
CA ILE C 230 4.42 -12.56 -11.36
C ILE C 230 3.88 -13.63 -12.32
N LYS C 231 2.99 -14.54 -11.86
CA LYS C 231 2.37 -15.59 -12.71
C LYS C 231 1.65 -14.98 -13.87
N ARG C 232 0.93 -13.88 -13.69
CA ARG C 232 0.21 -13.32 -14.79
C ARG C 232 1.22 -12.67 -15.71
N ALA C 233 2.11 -11.84 -15.13
CA ALA C 233 3.16 -11.21 -15.88
C ALA C 233 3.92 -12.20 -16.79
N VAL C 234 4.30 -13.30 -16.21
CA VAL C 234 4.96 -14.34 -16.94
C VAL C 234 4.13 -14.73 -18.15
N PHE C 235 2.78 -14.78 -18.11
CA PHE C 235 2.05 -15.21 -19.26
C PHE C 235 1.92 -14.17 -20.40
N ALA C 236 2.00 -12.89 -20.10
CA ALA C 236 2.09 -11.81 -21.05
C ALA C 236 3.37 -11.99 -21.85
N ARG C 237 4.40 -12.39 -21.13
CA ARG C 237 5.71 -12.59 -21.72
C ARG C 237 5.61 -13.75 -22.67
N GLU C 238 4.83 -14.73 -22.30
CA GLU C 238 4.66 -15.89 -23.16
C GLU C 238 3.96 -15.46 -24.43
N LEU C 239 3.07 -14.47 -24.43
CA LEU C 239 2.38 -14.08 -25.63
C LEU C 239 3.22 -13.16 -26.51
N GLY C 240 4.30 -12.55 -25.99
CA GLY C 240 5.06 -11.52 -26.73
C GLY C 240 4.31 -10.17 -26.73
N VAL C 241 3.35 -10.02 -25.78
CA VAL C 241 2.63 -8.76 -25.77
C VAL C 241 3.52 -7.67 -25.12
N PRO C 242 3.50 -6.40 -25.54
CA PRO C 242 4.28 -5.30 -25.02
C PRO C 242 4.00 -4.62 -23.69
N ILE C 243 2.86 -4.76 -23.01
CA ILE C 243 2.74 -3.95 -21.80
C ILE C 243 1.85 -4.68 -20.82
N VAL C 244 2.15 -4.53 -19.54
CA VAL C 244 1.28 -5.05 -18.51
C VAL C 244 0.97 -3.89 -17.57
N MET C 245 0.18 -4.10 -16.52
CA MET C 245 -0.37 -2.98 -15.72
C MET C 245 -0.36 -3.42 -14.30
N HIS C 246 -0.23 -2.47 -13.38
CA HIS C 246 -0.32 -2.73 -11.97
C HIS C 246 -0.90 -1.49 -11.32
N ASP C 247 -1.81 -1.65 -10.41
CA ASP C 247 -2.28 -0.54 -9.61
C ASP C 247 -1.24 -0.51 -8.48
N TYR C 248 -0.36 0.48 -8.31
CA TYR C 248 0.65 0.38 -7.27
C TYR C 248 0.23 0.75 -5.86
N LEU C 249 -0.97 1.25 -5.55
CA LEU C 249 -1.26 1.61 -4.18
C LEU C 249 -2.07 0.50 -3.55
N THR C 250 -3.08 -0.08 -4.19
CA THR C 250 -3.64 -1.30 -3.57
C THR C 250 -2.70 -2.57 -3.49
N GLY C 251 -1.99 -2.96 -4.59
CA GLY C 251 -1.01 -4.04 -4.61
C GLY C 251 0.17 -3.80 -3.68
N GLY C 252 0.77 -2.61 -3.67
CA GLY C 252 1.89 -2.30 -2.82
C GLY C 252 3.12 -1.84 -3.57
N PHE C 253 3.96 -1.14 -2.80
CA PHE C 253 5.26 -0.74 -3.24
C PHE C 253 6.18 -1.92 -3.27
N THR C 254 6.27 -2.83 -2.29
CA THR C 254 7.11 -4.03 -2.39
C THR C 254 6.87 -4.80 -3.66
N ALA C 255 5.62 -5.06 -3.91
CA ALA C 255 5.16 -5.73 -5.09
C ALA C 255 5.39 -5.05 -6.39
N ASN C 256 5.15 -3.75 -6.36
CA ASN C 256 5.28 -2.93 -7.53
C ASN C 256 6.69 -3.04 -8.02
N THR C 257 7.62 -2.77 -7.13
CA THR C 257 9.02 -2.90 -7.42
C THR C 257 9.34 -4.27 -7.97
N SER C 258 8.87 -5.39 -7.45
CA SER C 258 9.02 -6.67 -8.05
C SER C 258 8.35 -6.68 -9.45
N LEU C 259 7.18 -6.12 -9.80
CA LEU C 259 6.72 -6.28 -11.17
C LEU C 259 7.55 -5.47 -12.13
N ALA C 260 8.00 -4.34 -11.59
CA ALA C 260 8.85 -3.45 -12.34
C ALA C 260 10.19 -4.05 -12.57
N HIS C 261 10.81 -4.91 -11.78
CA HIS C 261 12.10 -5.48 -12.14
C HIS C 261 11.80 -6.70 -12.96
N TYR C 262 10.66 -7.37 -12.84
CA TYR C 262 10.33 -8.45 -13.73
C TYR C 262 10.22 -7.77 -15.07
N CYS C 263 9.54 -6.64 -15.27
CA CYS C 263 9.35 -6.17 -16.64
C CYS C 263 10.65 -5.69 -17.11
N ARG C 264 11.61 -5.14 -16.38
CA ARG C 264 12.80 -4.66 -17.02
C ARG C 264 13.55 -5.80 -17.66
N ASP C 265 13.57 -6.88 -16.90
CA ASP C 265 14.35 -7.98 -17.31
C ASP C 265 13.74 -8.80 -18.40
N ASN C 266 12.50 -8.52 -18.74
CA ASN C 266 11.74 -9.26 -19.75
C ASN C 266 11.19 -8.47 -20.87
N GLY C 267 11.35 -7.13 -20.77
CA GLY C 267 11.07 -6.17 -21.85
C GLY C 267 9.64 -5.76 -22.06
N LEU C 268 8.85 -5.75 -21.00
CA LEU C 268 7.43 -5.46 -21.02
C LEU C 268 7.39 -4.07 -20.45
N LEU C 269 6.42 -3.31 -20.89
CA LEU C 269 6.24 -1.97 -20.36
C LEU C 269 5.22 -2.03 -19.24
N LEU C 270 5.16 -1.01 -18.37
CA LEU C 270 4.31 -1.16 -17.23
C LEU C 270 3.43 0.05 -17.15
N HIS C 271 2.16 -0.15 -17.26
CA HIS C 271 1.26 0.93 -17.10
C HIS C 271 0.81 0.99 -15.66
N ILE C 272 1.23 2.00 -14.92
CA ILE C 272 0.81 2.04 -13.55
C ILE C 272 -0.46 2.88 -13.36
N HIS C 273 -1.48 2.27 -12.74
CA HIS C 273 -2.71 2.90 -12.33
C HIS C 273 -2.67 3.30 -10.82
N ARG C 274 -3.11 4.49 -10.49
CA ARG C 274 -2.91 4.96 -9.15
C ARG C 274 -4.18 4.79 -8.36
N ALA C 275 -4.90 3.67 -8.48
CA ALA C 275 -6.17 3.57 -7.78
C ALA C 275 -5.87 3.69 -6.31
N MET C 276 -6.85 4.22 -5.56
CA MET C 276 -6.76 4.47 -4.11
C MET C 276 -6.03 5.76 -3.81
N HIS C 277 -5.40 6.45 -4.76
CA HIS C 277 -4.63 7.59 -4.35
C HIS C 277 -5.44 8.71 -3.67
N ALA C 278 -6.75 8.92 -3.97
CA ALA C 278 -7.42 10.11 -3.41
C ALA C 278 -7.79 9.97 -1.96
N VAL C 279 -7.64 8.71 -1.50
CA VAL C 279 -7.78 8.35 -0.11
C VAL C 279 -6.64 9.07 0.57
N ILE C 280 -5.37 8.93 0.13
CA ILE C 280 -4.27 9.71 0.69
C ILE C 280 -4.08 11.17 0.22
N ASP C 281 -4.34 11.49 -1.06
CA ASP C 281 -3.92 12.78 -1.60
C ASP C 281 -4.88 13.91 -1.91
N ARG C 282 -6.17 13.72 -1.55
CA ARG C 282 -7.14 14.70 -1.97
C ARG C 282 -7.20 15.89 -1.01
N GLN C 283 -7.11 15.62 0.30
CA GLN C 283 -7.26 16.70 1.25
C GLN C 283 -5.95 17.41 1.39
N LYS C 284 -6.27 18.68 1.47
CA LYS C 284 -5.33 19.76 1.43
C LYS C 284 -4.50 19.89 2.66
N ASN C 285 -5.06 19.48 3.78
CA ASN C 285 -4.47 19.58 5.10
C ASN C 285 -4.02 18.23 5.63
N HIS C 286 -4.35 17.09 5.04
CA HIS C 286 -3.84 15.86 5.58
C HIS C 286 -3.77 14.88 4.44
N GLY C 287 -2.60 14.28 4.49
CA GLY C 287 -2.26 13.22 3.59
C GLY C 287 -0.85 13.37 3.06
N ILE C 288 -0.70 12.84 1.85
CA ILE C 288 0.54 12.95 1.17
C ILE C 288 0.02 13.43 -0.15
N HIS C 289 0.74 14.41 -0.68
CA HIS C 289 0.36 15.04 -1.93
C HIS C 289 0.73 14.21 -3.16
N PHE C 290 -0.13 13.83 -4.15
CA PHE C 290 0.22 13.07 -5.35
C PHE C 290 1.58 13.34 -5.96
N ARG C 291 2.24 14.50 -5.86
CA ARG C 291 3.55 14.62 -6.49
C ARG C 291 4.49 13.72 -5.76
N VAL C 292 4.38 13.56 -4.41
CA VAL C 292 5.22 12.64 -3.61
C VAL C 292 4.85 11.22 -4.03
N LEU C 293 3.54 10.90 -4.02
CA LEU C 293 3.11 9.59 -4.54
C LEU C 293 3.57 9.34 -5.96
N ALA C 294 4.13 10.22 -6.77
CA ALA C 294 4.63 9.79 -8.08
C ALA C 294 6.15 9.76 -8.23
N LYS C 295 6.78 10.35 -7.23
CA LYS C 295 8.22 10.33 -7.18
C LYS C 295 8.54 8.95 -6.67
N ALA C 296 7.60 8.42 -5.88
CA ALA C 296 7.70 7.13 -5.27
C ALA C 296 7.50 6.19 -6.43
N LEU C 297 6.47 6.33 -7.26
CA LEU C 297 6.41 5.52 -8.48
C LEU C 297 7.59 5.78 -9.42
N ARG C 298 8.12 6.96 -9.82
CA ARG C 298 9.24 7.02 -10.77
C ARG C 298 10.40 6.18 -10.25
N MET C 299 10.53 6.07 -8.94
CA MET C 299 11.58 5.28 -8.32
C MET C 299 11.28 3.82 -8.18
N SER C 300 10.06 3.45 -7.83
CA SER C 300 9.68 2.05 -7.67
C SER C 300 9.62 1.46 -9.06
N GLY C 301 8.93 2.15 -9.97
CA GLY C 301 9.03 1.82 -11.38
C GLY C 301 7.66 1.59 -11.97
N GLY C 302 7.53 2.29 -13.12
CA GLY C 302 6.38 2.22 -14.00
C GLY C 302 6.81 3.02 -15.19
N ASP C 303 6.17 2.70 -16.31
CA ASP C 303 6.47 3.37 -17.57
C ASP C 303 5.43 4.43 -17.97
N HIS C 304 4.18 4.20 -17.59
CA HIS C 304 3.12 5.15 -17.71
C HIS C 304 2.59 5.37 -16.26
N ILE C 305 2.07 6.52 -15.86
CA ILE C 305 1.39 6.71 -14.57
C ILE C 305 0.23 7.63 -14.89
N HIS C 306 -0.92 7.30 -14.31
CA HIS C 306 -2.11 8.13 -14.51
C HIS C 306 -1.88 9.44 -13.78
N SER C 307 -2.08 10.58 -14.44
CA SER C 307 -2.01 11.87 -13.79
C SER C 307 -3.35 12.57 -13.72
N GLY C 308 -4.42 11.92 -14.20
CA GLY C 308 -5.74 12.47 -14.06
C GLY C 308 -6.02 13.32 -15.26
N THR C 309 -7.07 14.12 -15.19
CA THR C 309 -7.41 15.03 -16.28
C THR C 309 -7.23 16.45 -15.79
N VAL C 310 -7.29 17.34 -16.75
CA VAL C 310 -7.01 18.70 -16.41
C VAL C 310 -8.11 19.58 -16.86
N VAL C 311 -8.53 19.40 -18.09
CA VAL C 311 -9.63 20.17 -18.61
C VAL C 311 -10.91 19.50 -18.03
N GLY C 312 -11.14 20.14 -16.89
CA GLY C 312 -12.21 19.89 -15.94
C GLY C 312 -11.80 20.66 -14.68
N LYS C 313 -10.59 20.33 -14.21
CA LYS C 313 -10.04 20.87 -12.96
C LYS C 313 -9.05 21.96 -13.38
N LEU C 314 -9.48 23.22 -13.37
CA LEU C 314 -8.74 24.25 -14.11
C LEU C 314 -7.57 25.07 -13.53
N GLU C 315 -7.09 26.02 -14.37
CA GLU C 315 -5.89 26.87 -14.19
C GLU C 315 -5.60 27.55 -12.86
N GLY C 316 -4.36 27.30 -12.46
CA GLY C 316 -3.91 27.66 -11.13
C GLY C 316 -3.55 26.34 -10.49
N GLU C 317 -4.47 25.38 -10.57
CA GLU C 317 -4.28 24.00 -10.08
C GLU C 317 -3.70 23.14 -11.21
N ARG C 318 -3.97 23.59 -12.45
CA ARG C 318 -3.32 23.10 -13.67
C ARG C 318 -1.80 23.31 -13.52
N ASP C 319 -1.38 24.38 -12.81
CA ASP C 319 0.04 24.61 -12.49
C ASP C 319 0.65 23.53 -11.63
N ILE C 320 -0.05 22.96 -10.63
CA ILE C 320 0.59 21.90 -9.87
C ILE C 320 0.57 20.63 -10.74
N THR C 321 -0.48 20.32 -11.54
CA THR C 321 -0.43 19.22 -12.54
C THR C 321 0.82 19.43 -13.38
N LEU C 322 1.00 20.63 -13.89
CA LEU C 322 2.16 20.82 -14.68
C LEU C 322 3.39 20.71 -13.82
N GLY C 323 3.34 20.98 -12.53
CA GLY C 323 4.47 20.73 -11.68
C GLY C 323 4.77 19.25 -11.55
N PHE C 324 3.82 18.34 -11.35
CA PHE C 324 4.29 16.98 -11.23
C PHE C 324 4.45 16.26 -12.54
N VAL C 325 3.82 16.58 -13.68
CA VAL C 325 4.16 15.95 -14.97
C VAL C 325 5.69 16.08 -15.29
N ASP C 326 6.26 17.29 -15.10
CA ASP C 326 7.67 17.58 -15.14
C ASP C 326 8.40 16.75 -14.13
N LEU C 327 7.96 16.71 -12.87
CA LEU C 327 8.65 15.90 -11.89
C LEU C 327 8.76 14.46 -12.41
N LEU C 328 7.74 14.02 -13.14
CA LEU C 328 7.73 12.69 -13.73
C LEU C 328 8.64 12.53 -14.93
N ARG C 329 8.46 13.46 -15.88
CA ARG C 329 9.06 13.34 -17.19
C ARG C 329 10.45 13.86 -17.30
N ASP C 330 10.86 14.83 -16.45
CA ASP C 330 12.15 15.55 -16.58
C ASP C 330 13.37 15.18 -15.80
N ASP C 331 14.57 15.46 -16.30
CA ASP C 331 15.76 14.97 -15.64
C ASP C 331 16.11 15.79 -14.43
N PHE C 332 15.60 17.01 -14.45
CA PHE C 332 15.91 17.91 -13.35
C PHE C 332 14.73 18.87 -13.22
N VAL C 333 14.04 18.87 -12.12
CA VAL C 333 13.00 19.83 -12.01
C VAL C 333 13.39 20.66 -10.82
N GLU C 334 13.89 21.82 -11.19
CA GLU C 334 14.24 22.78 -10.20
C GLU C 334 13.02 23.49 -9.56
N GLN C 335 13.41 23.98 -8.40
CA GLN C 335 12.61 24.64 -7.41
C GLN C 335 11.64 25.62 -7.97
N ASP C 336 10.37 25.37 -7.75
CA ASP C 336 9.37 26.29 -8.25
C ASP C 336 8.13 26.20 -7.41
N ARG C 337 8.14 27.04 -6.39
CA ARG C 337 7.05 26.92 -5.44
C ARG C 337 5.70 27.43 -5.93
N SER C 338 5.53 27.85 -7.18
CA SER C 338 4.17 28.11 -7.67
C SER C 338 3.63 26.84 -8.32
N ARG C 339 4.44 25.95 -8.92
CA ARG C 339 3.92 24.70 -9.49
C ARG C 339 3.95 23.57 -8.47
N GLY C 340 4.28 23.92 -7.22
CA GLY C 340 4.32 23.02 -6.09
C GLY C 340 5.63 22.25 -5.98
N ILE C 341 6.72 22.69 -6.60
CA ILE C 341 7.98 21.99 -6.52
C ILE C 341 8.59 22.71 -5.33
N TYR C 342 8.70 22.14 -4.13
CA TYR C 342 9.25 22.90 -3.02
C TYR C 342 10.75 22.80 -2.99
N PHE C 343 11.27 21.92 -3.82
CA PHE C 343 12.69 21.63 -3.84
C PHE C 343 13.05 21.33 -5.32
N THR C 344 14.26 21.68 -5.71
CA THR C 344 14.83 21.20 -6.95
C THR C 344 14.93 19.66 -6.90
N GLN C 345 14.82 18.98 -8.02
CA GLN C 345 15.00 17.56 -8.09
C GLN C 345 15.82 17.24 -9.29
N ASP C 346 16.94 16.58 -9.00
CA ASP C 346 17.79 16.08 -10.02
C ASP C 346 17.59 14.60 -10.06
N TRP C 347 16.94 14.14 -11.09
CA TRP C 347 16.72 12.73 -11.29
C TRP C 347 17.91 11.90 -11.81
N VAL C 348 19.13 12.41 -11.93
CA VAL C 348 20.36 11.74 -12.40
C VAL C 348 20.30 10.57 -13.33
N SER C 349 19.46 10.77 -14.33
CA SER C 349 19.20 9.88 -15.46
C SER C 349 18.35 8.63 -15.30
N LEU C 350 17.43 8.79 -14.32
CA LEU C 350 16.36 7.81 -14.10
C LEU C 350 15.38 8.12 -15.23
N PRO C 351 14.86 7.11 -15.91
CA PRO C 351 13.92 7.32 -17.00
C PRO C 351 12.67 8.03 -16.52
N GLY C 352 12.00 8.77 -17.46
CA GLY C 352 10.81 9.52 -17.20
C GLY C 352 9.62 8.62 -17.35
N VAL C 353 8.52 9.00 -16.74
CA VAL C 353 7.30 8.21 -16.79
C VAL C 353 6.39 9.14 -17.60
N LEU C 354 5.62 8.53 -18.53
CA LEU C 354 4.68 9.12 -19.47
C LEU C 354 3.40 9.29 -18.68
N PRO C 355 2.91 10.49 -18.45
CA PRO C 355 1.57 10.81 -18.01
C PRO C 355 0.43 10.31 -18.82
N VAL C 356 -0.52 9.66 -18.16
CA VAL C 356 -1.73 9.20 -18.80
C VAL C 356 -2.75 10.17 -18.30
N ALA C 357 -3.38 10.95 -19.15
CA ALA C 357 -4.49 11.85 -18.81
C ALA C 357 -5.75 11.02 -19.01
N SER C 358 -6.72 11.12 -18.10
CA SER C 358 -7.87 10.24 -18.12
C SER C 358 -9.06 10.88 -17.46
N GLY C 359 -10.24 10.63 -18.02
CA GLY C 359 -11.49 11.05 -17.42
C GLY C 359 -12.04 12.42 -17.84
N GLY C 360 -13.30 12.34 -18.25
CA GLY C 360 -14.07 13.49 -18.74
C GLY C 360 -13.89 13.77 -20.23
N ILE C 361 -12.88 13.11 -20.82
CA ILE C 361 -12.40 13.36 -22.17
C ILE C 361 -13.08 12.60 -23.33
N HIS C 362 -13.07 13.42 -24.39
CA HIS C 362 -13.71 13.25 -25.69
C HIS C 362 -13.16 14.38 -26.55
N VAL C 363 -13.49 14.54 -27.84
CA VAL C 363 -12.77 15.59 -28.55
C VAL C 363 -12.73 17.10 -28.30
N TRP C 364 -13.56 18.09 -27.73
CA TRP C 364 -12.96 19.47 -27.67
C TRP C 364 -11.85 19.71 -26.63
N HIS C 365 -11.53 18.56 -26.02
CA HIS C 365 -10.49 18.48 -25.06
C HIS C 365 -9.19 18.33 -25.81
N MET C 366 -9.25 17.75 -27.01
CA MET C 366 -8.04 17.36 -27.70
C MET C 366 -7.02 18.46 -27.77
N PRO C 367 -7.27 19.70 -28.23
CA PRO C 367 -6.18 20.71 -28.36
C PRO C 367 -5.59 21.11 -27.01
N ALA C 368 -6.44 21.27 -25.98
CA ALA C 368 -6.07 21.68 -24.60
C ALA C 368 -5.17 20.65 -23.97
N LEU C 369 -5.63 19.41 -24.03
CA LEU C 369 -4.87 18.29 -23.53
C LEU C 369 -3.55 18.25 -24.20
N THR C 370 -3.61 18.24 -25.54
CA THR C 370 -2.46 18.27 -26.42
C THR C 370 -1.54 19.41 -26.01
N GLU C 371 -2.08 20.51 -25.47
CA GLU C 371 -1.30 21.65 -25.10
C GLU C 371 -0.83 21.53 -23.66
N ILE C 372 -1.62 20.96 -22.74
CA ILE C 372 -1.24 20.94 -21.33
C ILE C 372 -0.06 20.02 -21.26
N PHE C 373 -0.30 18.88 -21.93
CA PHE C 373 0.63 17.77 -21.89
C PHE C 373 1.67 17.73 -22.99
N GLY C 374 1.27 18.08 -24.21
CA GLY C 374 2.18 17.94 -25.33
C GLY C 374 2.32 16.49 -25.79
N ASP C 375 3.40 16.29 -26.54
CA ASP C 375 3.73 15.00 -27.09
C ASP C 375 3.88 13.86 -26.14
N ASP C 376 4.51 14.08 -24.97
CA ASP C 376 4.78 12.98 -24.08
C ASP C 376 3.67 12.58 -23.11
N SER C 377 2.57 12.14 -23.68
CA SER C 377 1.53 11.76 -22.80
C SER C 377 0.71 10.66 -23.45
N VAL C 378 -0.21 10.06 -22.64
CA VAL C 378 -1.17 9.10 -23.16
C VAL C 378 -2.55 9.71 -22.90
N LEU C 379 -3.36 9.91 -23.91
CA LEU C 379 -4.71 10.41 -23.79
C LEU C 379 -5.56 9.16 -23.88
N GLN C 380 -6.19 8.88 -22.73
CA GLN C 380 -6.92 7.63 -22.49
C GLN C 380 -8.42 7.87 -22.46
N PHE C 381 -9.17 7.40 -23.44
CA PHE C 381 -10.61 7.65 -23.49
C PHE C 381 -11.39 6.40 -23.17
N GLY C 382 -12.49 6.54 -22.43
CA GLY C 382 -13.35 5.41 -22.13
C GLY C 382 -14.53 5.57 -23.06
N GLY C 383 -15.33 6.52 -22.62
CA GLY C 383 -16.50 6.99 -23.35
C GLY C 383 -16.14 7.83 -24.58
N GLY C 384 -15.06 8.66 -24.57
CA GLY C 384 -14.59 9.42 -25.76
C GLY C 384 -14.45 8.58 -27.04
N THR C 385 -14.20 7.29 -26.81
CA THR C 385 -14.14 6.31 -27.85
C THR C 385 -15.36 5.41 -27.74
N LEU C 386 -15.49 4.56 -26.70
CA LEU C 386 -16.56 3.56 -26.61
C LEU C 386 -17.98 4.07 -26.77
N GLY C 387 -18.20 5.29 -26.30
CA GLY C 387 -19.50 5.94 -26.37
C GLY C 387 -19.74 6.70 -27.69
N HIS C 388 -19.14 6.24 -28.77
CA HIS C 388 -19.37 6.84 -30.07
C HIS C 388 -20.58 6.10 -30.63
N PRO C 389 -21.56 6.89 -31.08
CA PRO C 389 -22.54 6.57 -32.08
C PRO C 389 -22.32 5.40 -32.97
N TRP C 390 -21.15 5.35 -33.64
CA TRP C 390 -20.91 4.29 -34.63
C TRP C 390 -20.08 3.17 -34.09
N GLY C 391 -19.97 3.17 -32.75
CA GLY C 391 -19.20 2.17 -32.01
C GLY C 391 -17.73 2.48 -31.98
N ASN C 392 -17.10 1.42 -31.48
CA ASN C 392 -15.68 1.38 -31.13
C ASN C 392 -14.59 1.83 -32.11
N ALA C 393 -14.56 1.26 -33.35
CA ALA C 393 -13.56 1.70 -34.31
C ALA C 393 -13.84 3.12 -34.79
N PRO C 394 -15.03 3.55 -35.31
CA PRO C 394 -15.38 4.96 -35.44
C PRO C 394 -15.02 5.87 -34.28
N GLY C 395 -15.28 5.54 -33.02
CA GLY C 395 -14.74 6.33 -31.92
C GLY C 395 -13.19 6.37 -31.94
N ALA C 396 -12.49 5.27 -32.27
CA ALA C 396 -11.05 5.31 -32.24
C ALA C 396 -10.55 6.32 -33.29
N VAL C 397 -10.86 6.09 -34.56
CA VAL C 397 -10.60 7.04 -35.67
C VAL C 397 -10.95 8.51 -35.31
N ALA C 398 -12.12 8.68 -34.71
CA ALA C 398 -12.60 9.96 -34.28
C ALA C 398 -11.68 10.60 -33.26
N ASN C 399 -11.15 9.95 -32.18
CA ASN C 399 -10.21 10.71 -31.28
C ASN C 399 -8.85 10.94 -31.90
N ARG C 400 -8.46 9.90 -32.64
CA ARG C 400 -7.25 9.93 -33.43
C ARG C 400 -7.16 11.08 -34.47
N VAL C 401 -8.02 11.20 -35.52
CA VAL C 401 -7.87 12.27 -36.50
C VAL C 401 -8.00 13.59 -35.74
N ALA C 402 -8.83 13.66 -34.68
CA ALA C 402 -8.88 14.85 -33.84
C ALA C 402 -7.50 15.26 -33.25
N LEU C 403 -6.74 14.25 -32.83
CA LEU C 403 -5.43 14.47 -32.27
C LEU C 403 -4.47 14.88 -33.33
N GLU C 404 -4.53 14.21 -34.46
CA GLU C 404 -3.61 14.53 -35.53
C GLU C 404 -3.89 15.91 -36.11
N ALA C 405 -5.16 16.35 -36.07
CA ALA C 405 -5.52 17.70 -36.41
C ALA C 405 -4.87 18.59 -35.37
N CYS C 406 -5.02 18.32 -34.08
CA CYS C 406 -4.29 19.04 -33.04
C CYS C 406 -2.75 19.05 -33.20
N VAL C 407 -2.13 17.97 -33.71
CA VAL C 407 -0.68 17.96 -33.97
C VAL C 407 -0.39 18.92 -35.15
N LYS C 408 -1.06 18.75 -36.30
CA LYS C 408 -0.80 19.54 -37.49
C LYS C 408 -1.02 20.97 -37.11
N ALA C 409 -2.18 21.39 -36.63
CA ALA C 409 -2.35 22.76 -36.18
C ALA C 409 -1.21 23.26 -35.31
N ARG C 410 -0.80 22.61 -34.23
CA ARG C 410 0.30 23.09 -33.43
C ARG C 410 1.56 23.25 -34.31
N ASN C 411 1.81 22.28 -35.17
CA ASN C 411 3.00 22.22 -35.95
C ASN C 411 3.06 23.31 -36.96
N GLU C 412 1.91 23.74 -37.47
CA GLU C 412 1.95 24.90 -38.35
C GLU C 412 1.42 26.10 -37.52
N GLY C 413 2.26 26.31 -36.50
CA GLY C 413 2.16 27.33 -35.49
C GLY C 413 0.79 27.82 -35.11
N ARG C 414 -0.27 27.05 -35.02
CA ARG C 414 -1.52 27.59 -34.55
C ARG C 414 -1.55 27.41 -33.04
N ASP C 415 -2.37 28.23 -32.36
CA ASP C 415 -2.40 28.25 -30.92
C ASP C 415 -3.61 27.46 -30.44
N LEU C 416 -3.34 26.20 -30.09
CA LEU C 416 -4.37 25.26 -29.65
C LEU C 416 -5.17 25.84 -28.50
N ALA C 417 -4.48 26.65 -27.71
CA ALA C 417 -5.14 27.33 -26.63
C ALA C 417 -6.28 28.28 -27.07
N GLN C 418 -6.15 28.99 -28.17
CA GLN C 418 -7.30 29.76 -28.60
C GLN C 418 -8.02 29.16 -29.81
N GLU C 419 -7.28 28.73 -30.83
CA GLU C 419 -7.91 28.14 -31.99
C GLU C 419 -8.53 26.77 -31.76
N GLY C 420 -8.23 26.12 -30.64
CA GLY C 420 -8.65 24.76 -30.34
C GLY C 420 -9.99 24.19 -30.84
N ASN C 421 -11.03 24.75 -30.20
CA ASN C 421 -12.43 24.45 -30.49
C ASN C 421 -12.62 24.52 -32.01
N GLU C 422 -11.99 25.60 -32.55
CA GLU C 422 -12.06 25.89 -33.97
C GLU C 422 -11.35 24.86 -34.84
N ILE C 423 -10.17 24.48 -34.34
CA ILE C 423 -9.32 23.53 -35.04
C ILE C 423 -10.14 22.23 -35.21
N ILE C 424 -10.77 21.84 -34.10
CA ILE C 424 -11.62 20.66 -34.09
C ILE C 424 -12.79 20.91 -35.06
N ARG C 425 -13.28 22.18 -35.22
CA ARG C 425 -14.36 22.56 -36.11
C ARG C 425 -13.96 22.21 -37.51
N GLU C 426 -12.74 22.58 -37.85
CA GLU C 426 -12.26 22.30 -39.18
C GLU C 426 -12.27 20.79 -39.55
N ALA C 427 -11.81 19.98 -38.56
CA ALA C 427 -11.63 18.52 -38.62
C ALA C 427 -12.90 17.69 -38.73
N CYS C 428 -13.97 18.17 -38.07
CA CYS C 428 -15.28 17.53 -38.15
C CYS C 428 -15.79 17.39 -39.55
N LYS C 429 -15.47 18.49 -40.21
CA LYS C 429 -15.87 18.73 -41.57
C LYS C 429 -15.26 17.70 -42.49
N TRP C 430 -13.95 17.48 -42.48
CA TRP C 430 -13.50 16.50 -43.42
C TRP C 430 -13.64 15.09 -42.86
N SER C 431 -14.03 14.81 -41.61
CA SER C 431 -14.19 13.41 -41.21
C SER C 431 -15.63 13.01 -40.88
N PRO C 432 -16.30 12.05 -41.59
CA PRO C 432 -17.61 11.48 -41.22
C PRO C 432 -17.79 10.98 -39.77
N GLU C 433 -16.86 10.03 -39.51
CA GLU C 433 -16.57 9.38 -38.26
C GLU C 433 -16.40 10.43 -37.14
N LEU C 434 -15.48 11.40 -37.31
CA LEU C 434 -15.28 12.46 -36.31
C LEU C 434 -16.51 13.35 -36.27
N ALA C 435 -17.18 13.64 -37.37
CA ALA C 435 -18.29 14.55 -37.32
C ALA C 435 -19.38 14.07 -36.39
N ALA C 436 -19.76 12.77 -36.48
CA ALA C 436 -20.78 12.21 -35.59
C ALA C 436 -20.36 12.24 -34.10
N ALA C 437 -19.05 12.35 -33.85
CA ALA C 437 -18.47 12.49 -32.53
C ALA C 437 -18.67 13.95 -32.24
N CYS C 438 -18.43 14.94 -33.11
CA CYS C 438 -18.66 16.36 -32.83
C CYS C 438 -20.10 16.62 -32.52
N GLU C 439 -21.06 15.88 -33.08
CA GLU C 439 -22.48 16.01 -32.75
C GLU C 439 -22.75 15.73 -31.27
N VAL C 440 -22.50 14.51 -30.78
CA VAL C 440 -22.76 14.14 -29.39
C VAL C 440 -21.91 14.97 -28.44
N TRP C 441 -20.72 15.38 -28.90
CA TRP C 441 -19.84 16.44 -28.33
C TRP C 441 -20.82 17.60 -28.04
N LYS C 442 -21.34 18.21 -29.15
CA LYS C 442 -22.26 19.34 -29.17
C LYS C 442 -23.68 19.12 -28.67
N GLU C 443 -24.04 17.87 -28.31
CA GLU C 443 -25.23 17.61 -27.52
C GLU C 443 -24.97 18.28 -26.15
N ILE C 444 -23.71 18.51 -25.74
CA ILE C 444 -23.40 19.41 -24.61
C ILE C 444 -22.45 20.60 -24.99
N VAL C 445 -21.90 20.68 -26.24
CA VAL C 445 -20.97 21.75 -26.64
C VAL C 445 -21.71 22.97 -27.21
N PHE C 446 -21.45 23.46 -28.44
CA PHE C 446 -21.98 24.75 -28.95
C PHE C 446 -22.66 24.93 -30.34
N MET D 1 -24.89 5.02 -40.19
CA MET D 1 -23.85 4.94 -39.18
C MET D 1 -22.87 4.06 -39.93
N GLN D 2 -21.60 4.43 -40.01
CA GLN D 2 -20.62 3.73 -40.82
C GLN D 2 -19.66 2.73 -40.16
N VAL D 3 -19.10 1.94 -41.08
CA VAL D 3 -18.10 0.90 -40.83
C VAL D 3 -16.77 1.50 -41.35
N TRP D 4 -15.67 1.18 -40.64
CA TRP D 4 -14.32 1.63 -41.00
C TRP D 4 -13.63 0.37 -41.54
N PRO D 5 -12.86 0.49 -42.67
CA PRO D 5 -12.45 -0.65 -43.48
C PRO D 5 -11.43 -1.49 -42.73
N PRO D 6 -11.75 -2.79 -42.68
CA PRO D 6 -10.82 -3.86 -42.34
C PRO D 6 -9.78 -4.04 -43.46
N ILE D 7 -10.14 -3.74 -44.71
CA ILE D 7 -9.10 -3.84 -45.72
C ILE D 7 -8.69 -2.42 -46.05
N ASN D 8 -7.39 -2.44 -46.24
CA ASN D 8 -6.70 -1.32 -46.82
C ASN D 8 -6.73 -0.03 -46.02
N LYS D 9 -6.78 -0.05 -44.69
CA LYS D 9 -6.56 1.24 -44.00
C LYS D 9 -5.27 1.18 -43.21
N LYS D 10 -4.23 0.68 -43.91
CA LYS D 10 -2.89 0.53 -43.37
C LYS D 10 -2.42 1.93 -43.04
N LYS D 11 -1.83 2.10 -41.86
CA LYS D 11 -1.48 3.43 -41.38
C LYS D 11 0.00 3.60 -41.21
N TYR D 12 0.52 4.85 -41.31
CA TYR D 12 1.97 5.14 -41.17
C TYR D 12 2.32 6.20 -40.06
N GLU D 13 1.55 5.93 -39.01
CA GLU D 13 1.53 6.59 -37.75
C GLU D 13 1.23 8.07 -37.86
N THR D 14 2.01 8.91 -37.26
CA THR D 14 1.73 10.29 -37.25
C THR D 14 1.66 10.85 -38.68
N LEU D 15 0.49 11.53 -38.57
CA LEU D 15 -0.29 12.28 -39.57
C LEU D 15 -1.01 11.43 -40.58
N SER D 16 -1.04 10.11 -40.42
CA SER D 16 -1.67 9.31 -41.45
C SER D 16 -3.17 9.08 -41.36
N TYR D 17 -3.91 9.61 -40.37
CA TYR D 17 -5.40 9.49 -40.39
C TYR D 17 -5.95 10.83 -40.81
N LEU D 18 -5.08 11.67 -41.35
CA LEU D 18 -5.40 12.98 -41.89
C LEU D 18 -5.45 12.78 -43.40
N PRO D 19 -5.99 13.73 -44.19
CA PRO D 19 -5.77 13.74 -45.63
C PRO D 19 -4.25 13.76 -45.88
N ASP D 20 -3.87 13.38 -47.10
CA ASP D 20 -2.46 13.41 -47.41
C ASP D 20 -2.05 14.86 -47.42
N LEU D 21 -0.89 15.17 -46.84
CA LEU D 21 -0.39 16.54 -46.73
C LEU D 21 -0.02 16.99 -48.12
N SER D 22 -0.36 18.21 -48.44
CA SER D 22 0.03 18.78 -49.72
C SER D 22 1.46 19.24 -49.47
N GLN D 23 2.31 19.44 -50.50
CA GLN D 23 3.69 19.88 -50.31
C GLN D 23 3.91 21.13 -49.46
N GLU D 24 2.80 21.85 -49.30
CA GLU D 24 2.62 23.00 -48.43
C GLU D 24 2.52 22.46 -46.99
N GLN D 25 1.59 21.53 -46.72
CA GLN D 25 1.49 20.95 -45.38
C GLN D 25 2.76 20.18 -45.07
N LEU D 26 3.32 19.36 -45.96
CA LEU D 26 4.61 18.74 -45.72
C LEU D 26 5.65 19.75 -45.47
N LEU D 27 5.68 20.84 -46.20
CA LEU D 27 6.73 21.82 -45.98
C LEU D 27 6.66 22.48 -44.59
N SER D 28 5.45 22.82 -44.13
CA SER D 28 5.25 23.45 -42.83
C SER D 28 5.75 22.55 -41.69
N GLU D 29 5.49 21.23 -41.80
CA GLU D 29 5.98 20.19 -40.91
C GLU D 29 7.52 20.18 -40.88
N VAL D 30 8.15 20.12 -42.05
CA VAL D 30 9.60 20.09 -42.17
C VAL D 30 10.16 21.40 -41.62
N GLU D 31 9.37 22.47 -41.76
CA GLU D 31 9.76 23.79 -41.26
C GLU D 31 9.53 23.85 -39.73
N TYR D 32 8.62 23.07 -39.11
CA TYR D 32 8.44 22.99 -37.66
C TYR D 32 9.59 22.31 -36.99
N LEU D 33 9.92 21.19 -37.62
CA LEU D 33 10.97 20.27 -37.22
C LEU D 33 12.19 21.13 -36.93
N LEU D 34 12.49 21.78 -38.03
CA LEU D 34 13.55 22.75 -38.11
C LEU D 34 13.39 23.89 -37.13
N LYS D 35 12.19 24.43 -36.83
CA LYS D 35 12.11 25.53 -35.91
C LYS D 35 12.23 25.09 -34.46
N ASN D 36 12.25 23.77 -34.21
CA ASN D 36 12.58 23.29 -32.87
C ASN D 36 14.03 22.89 -32.75
N GLY D 37 14.80 22.75 -33.82
CA GLY D 37 16.20 22.42 -33.71
C GLY D 37 16.49 21.00 -34.11
N TRP D 38 15.56 20.34 -34.79
CA TRP D 38 15.71 18.93 -35.00
C TRP D 38 16.16 18.61 -36.38
N VAL D 39 17.19 17.80 -36.51
CA VAL D 39 17.78 17.38 -37.80
C VAL D 39 16.90 16.42 -38.61
N PRO D 40 16.41 16.78 -39.81
CA PRO D 40 15.48 15.92 -40.57
C PRO D 40 16.27 14.82 -41.28
N CYS D 41 15.66 13.70 -41.59
CA CYS D 41 16.32 12.61 -42.31
C CYS D 41 15.19 11.87 -43.02
N LEU D 42 15.48 11.09 -44.03
CA LEU D 42 14.46 10.39 -44.76
C LEU D 42 14.74 8.90 -44.64
N GLU D 43 13.73 8.09 -44.46
CA GLU D 43 13.86 6.65 -44.39
C GLU D 43 13.07 6.17 -45.59
N PHE D 44 13.47 5.10 -46.26
CA PHE D 44 12.65 4.63 -47.37
C PHE D 44 12.54 3.10 -47.35
N GLU D 45 11.32 2.58 -47.49
CA GLU D 45 11.17 1.16 -47.42
C GLU D 45 10.69 0.72 -48.77
N THR D 46 11.34 -0.25 -49.40
CA THR D 46 10.96 -0.83 -50.68
C THR D 46 10.17 -2.12 -50.46
N GLU D 47 10.62 -2.88 -49.45
CA GLU D 47 10.20 -4.24 -49.10
C GLU D 47 9.04 -4.68 -48.21
N HIS D 48 7.93 -4.02 -47.88
CA HIS D 48 6.80 -4.34 -46.96
C HIS D 48 6.90 -3.17 -45.99
N GLY D 49 5.92 -2.26 -45.90
CA GLY D 49 6.23 -1.08 -45.13
C GLY D 49 5.58 -1.16 -43.82
N PHE D 50 5.54 -2.33 -43.19
CA PHE D 50 4.73 -2.56 -41.99
C PHE D 50 5.55 -3.47 -41.10
N VAL D 51 5.36 -3.20 -39.78
CA VAL D 51 6.06 -3.97 -38.76
C VAL D 51 5.61 -5.44 -38.90
N TYR D 52 6.35 -6.38 -38.41
CA TYR D 52 5.98 -7.78 -38.45
C TYR D 52 6.91 -8.43 -37.43
N ARG D 53 7.02 -9.74 -37.23
CA ARG D 53 7.94 -10.30 -36.23
C ARG D 53 8.06 -11.61 -36.91
N GLU D 54 9.28 -11.94 -37.28
CA GLU D 54 9.58 -13.13 -38.08
C GLU D 54 10.68 -13.71 -37.25
N ASN D 55 11.70 -12.86 -37.04
CA ASN D 55 12.84 -13.31 -36.29
C ASN D 55 12.67 -13.76 -34.89
N ASN D 56 11.72 -13.25 -34.17
CA ASN D 56 11.64 -13.56 -32.77
C ASN D 56 10.34 -12.88 -32.31
N LYS D 57 9.60 -13.49 -31.38
CA LYS D 57 8.35 -12.94 -30.98
C LYS D 57 8.48 -12.47 -29.57
N SER D 58 9.57 -11.89 -29.06
CA SER D 58 9.62 -11.59 -27.61
C SER D 58 8.92 -10.25 -27.35
N PRO D 59 8.56 -10.06 -26.07
CA PRO D 59 8.06 -8.78 -25.59
C PRO D 59 8.83 -7.57 -26.12
N GLY D 60 8.20 -6.91 -27.11
CA GLY D 60 8.68 -5.63 -27.58
C GLY D 60 9.78 -5.77 -28.61
N TYR D 61 9.73 -6.96 -29.21
CA TYR D 61 10.53 -7.27 -30.38
C TYR D 61 9.67 -7.29 -31.65
N TYR D 62 10.03 -6.45 -32.57
CA TYR D 62 9.30 -6.45 -33.83
C TYR D 62 10.33 -6.21 -34.95
N ASP D 63 10.06 -6.93 -36.03
CA ASP D 63 10.75 -6.71 -37.26
C ASP D 63 10.06 -5.60 -38.00
N GLY D 64 10.83 -4.79 -38.68
CA GLY D 64 10.24 -3.80 -39.57
C GLY D 64 10.09 -2.42 -39.02
N ARG D 65 10.77 -2.13 -37.90
CA ARG D 65 10.67 -0.76 -37.40
C ARG D 65 11.66 0.12 -38.14
N TYR D 66 12.85 -0.44 -38.38
CA TYR D 66 13.98 0.15 -39.11
C TYR D 66 13.85 0.25 -40.61
N TRP D 67 13.86 1.44 -41.21
CA TRP D 67 13.99 1.45 -42.66
C TRP D 67 15.45 1.82 -42.98
N THR D 68 15.77 1.80 -44.28
CA THR D 68 17.08 2.20 -44.81
C THR D 68 17.15 3.74 -44.75
N MET D 69 18.27 4.35 -44.33
CA MET D 69 18.34 5.82 -44.37
C MET D 69 18.68 6.27 -45.78
N TRP D 70 18.03 7.34 -46.14
CA TRP D 70 18.21 8.02 -47.39
C TRP D 70 19.07 9.17 -46.92
N LYS D 71 20.26 8.83 -47.40
CA LYS D 71 21.46 9.62 -47.20
C LYS D 71 21.70 9.87 -45.71
N LEU D 72 21.74 11.08 -45.17
CA LEU D 72 22.13 11.25 -43.80
C LEU D 72 21.15 12.18 -43.12
N PRO D 73 21.40 12.62 -41.90
CA PRO D 73 20.60 13.70 -41.32
C PRO D 73 21.11 15.05 -41.87
N MET D 74 20.20 15.98 -42.17
CA MET D 74 20.50 17.29 -42.71
C MET D 74 20.76 18.20 -41.55
N PHE D 75 21.90 17.84 -40.99
CA PHE D 75 22.53 18.52 -39.87
C PHE D 75 22.69 19.97 -40.29
N GLY D 76 22.32 20.93 -39.43
CA GLY D 76 22.46 22.34 -39.74
C GLY D 76 21.70 22.78 -41.03
N CYS D 77 20.60 22.12 -41.42
CA CYS D 77 19.79 22.59 -42.53
C CYS D 77 18.94 23.71 -41.93
N THR D 78 18.79 24.78 -42.68
CA THR D 78 18.00 25.88 -42.19
C THR D 78 16.81 26.11 -43.08
N ASP D 79 16.87 25.52 -44.28
CA ASP D 79 15.84 25.72 -45.26
C ASP D 79 15.19 24.38 -45.64
N ALA D 80 13.94 24.32 -45.19
CA ALA D 80 13.10 23.13 -45.38
C ALA D 80 12.83 22.68 -46.82
N THR D 81 12.98 23.70 -47.67
CA THR D 81 12.85 23.50 -49.09
C THR D 81 14.06 22.73 -49.58
N GLN D 82 15.26 22.85 -48.93
CA GLN D 82 16.39 22.02 -49.35
C GLN D 82 15.95 20.56 -49.28
N VAL D 83 15.27 20.28 -48.14
CA VAL D 83 14.81 18.95 -47.74
C VAL D 83 13.81 18.30 -48.71
N LEU D 84 12.75 19.04 -49.09
CA LEU D 84 11.74 18.49 -49.99
C LEU D 84 12.35 18.05 -51.34
N ALA D 85 13.53 18.60 -51.71
CA ALA D 85 14.27 18.16 -52.91
C ALA D 85 14.72 16.69 -52.84
N GLU D 86 15.02 16.30 -51.58
CA GLU D 86 15.39 14.92 -51.25
C GLU D 86 14.22 13.98 -51.30
N VAL D 87 13.08 14.26 -50.65
CA VAL D 87 11.87 13.43 -50.79
C VAL D 87 11.64 13.14 -52.26
N GLU D 88 11.73 14.23 -53.06
CA GLU D 88 11.54 14.24 -54.51
C GLU D 88 12.64 13.56 -55.33
N GLU D 89 13.89 13.52 -54.89
CA GLU D 89 14.87 12.77 -55.63
C GLU D 89 14.69 11.26 -55.35
N ALA D 90 14.45 10.91 -54.08
CA ALA D 90 14.34 9.53 -53.61
C ALA D 90 13.27 8.73 -54.31
N LYS D 91 12.20 9.48 -54.45
CA LYS D 91 10.97 9.15 -55.14
C LYS D 91 11.23 8.87 -56.61
N LYS D 92 12.29 9.43 -57.20
CA LYS D 92 12.59 9.14 -58.60
C LYS D 92 13.17 7.73 -58.66
N ALA D 93 14.11 7.59 -57.73
CA ALA D 93 14.85 6.36 -57.59
C ALA D 93 13.94 5.22 -57.16
N TYR D 94 13.09 5.53 -56.20
CA TYR D 94 12.24 4.53 -55.61
C TYR D 94 10.85 5.15 -55.77
N PRO D 95 10.19 4.93 -56.94
CA PRO D 95 8.73 4.99 -57.07
C PRO D 95 8.07 3.85 -56.27
N GLN D 96 8.94 2.91 -55.95
CA GLN D 96 8.60 1.77 -55.09
C GLN D 96 8.29 2.19 -53.64
N ALA D 97 9.35 2.66 -52.99
CA ALA D 97 9.37 3.03 -51.60
C ALA D 97 8.26 3.83 -50.98
N TRP D 98 8.12 3.65 -49.66
CA TRP D 98 7.34 4.53 -48.81
C TRP D 98 8.46 5.41 -48.22
N ILE D 99 8.39 6.72 -48.25
CA ILE D 99 9.45 7.54 -47.70
C ILE D 99 8.84 8.12 -46.42
N ARG D 100 9.68 8.38 -45.42
CA ARG D 100 9.21 9.06 -44.26
C ARG D 100 10.34 9.96 -43.82
N ILE D 101 9.84 11.03 -43.23
CA ILE D 101 10.69 12.08 -42.74
C ILE D 101 10.63 11.85 -41.25
N ILE D 102 11.86 11.73 -40.76
CA ILE D 102 12.13 11.54 -39.35
C ILE D 102 13.05 12.69 -39.02
N GLY D 103 13.22 12.86 -37.73
CA GLY D 103 14.02 13.93 -37.18
C GLY D 103 14.70 13.45 -35.90
N PHE D 104 15.86 14.03 -35.67
CA PHE D 104 16.69 13.72 -34.56
C PHE D 104 16.83 14.96 -33.72
N ASP D 105 16.71 14.68 -32.44
CA ASP D 105 16.82 15.67 -31.42
C ASP D 105 18.08 15.25 -30.74
N ASN D 106 19.21 15.85 -31.04
CA ASN D 106 20.40 15.45 -30.32
C ASN D 106 20.43 15.99 -28.88
N VAL D 107 19.61 16.96 -28.46
CA VAL D 107 19.58 17.43 -27.07
C VAL D 107 19.13 16.34 -26.11
N ARG D 108 18.13 15.58 -26.55
CA ARG D 108 17.55 14.44 -25.82
C ARG D 108 18.08 13.09 -26.27
N GLN D 109 19.01 13.08 -27.25
CA GLN D 109 19.63 11.91 -27.86
C GLN D 109 18.60 11.01 -28.54
N VAL D 110 17.44 11.52 -28.97
CA VAL D 110 16.35 10.68 -29.46
C VAL D 110 15.73 11.16 -30.79
N GLN D 111 15.10 10.24 -31.53
CA GLN D 111 14.35 10.51 -32.76
C GLN D 111 13.04 11.05 -32.30
N CYS D 112 12.63 12.15 -32.85
CA CYS D 112 11.37 12.72 -32.41
C CYS D 112 10.26 12.75 -33.47
N ILE D 113 10.62 12.54 -34.75
CA ILE D 113 9.64 12.72 -35.83
C ILE D 113 9.62 11.42 -36.61
N SER D 114 8.48 11.21 -37.24
CA SER D 114 8.29 10.18 -38.18
C SER D 114 6.94 10.50 -38.77
N PHE D 115 6.84 11.04 -40.01
CA PHE D 115 5.57 11.18 -40.70
C PHE D 115 5.79 10.62 -42.08
N ILE D 116 4.76 9.95 -42.65
CA ILE D 116 4.91 9.38 -43.99
C ILE D 116 4.91 10.54 -45.02
N ALA D 117 6.04 10.66 -45.73
CA ALA D 117 6.15 11.66 -46.80
C ALA D 117 5.60 11.16 -48.15
N TYR D 118 5.68 9.89 -48.57
CA TYR D 118 5.22 9.42 -49.86
C TYR D 118 4.73 8.01 -49.70
N LYS D 119 3.43 7.76 -49.89
CA LYS D 119 2.82 6.42 -49.89
C LYS D 119 2.98 5.93 -51.34
N PRO D 120 3.60 4.80 -51.70
CA PRO D 120 3.64 4.23 -53.06
C PRO D 120 2.28 3.90 -53.63
N GLU D 121 2.18 3.93 -54.95
CA GLU D 121 0.89 3.84 -55.60
C GLU D 121 -0.10 2.81 -55.06
N GLY D 122 -1.16 3.47 -54.55
CA GLY D 122 -2.28 2.79 -54.00
C GLY D 122 -1.96 2.39 -52.58
N TYR D 123 -1.57 3.36 -51.74
CA TYR D 123 -1.35 3.18 -50.30
C TYR D 123 -1.79 4.43 -49.51
#